data_4IQZ
#
_entry.id   4IQZ
#
_cell.length_a   198.060
_cell.length_b   65.630
_cell.length_c   81.292
_cell.angle_alpha   90.00
_cell.angle_beta   108.92
_cell.angle_gamma   90.00
#
_symmetry.space_group_name_H-M   'C 1 2 1'
#
loop_
_entity.id
_entity.type
_entity.pdbx_description
1 polymer "DNA-directed RNA polymerase subunit beta'"
2 non-polymer 'IODIDE ION'
3 non-polymer 'SODIUM ION'
4 water water
#
_entity_poly.entity_id   1
_entity_poly.type   'polypeptide(L)'
_entity_poly.pdbx_seq_one_letter_code
;(MSE)GSSHHHHHHSSGLVPRGSH(MSE)RTFHIGGAASRAAAESSIQVKNKGSIKLSNVKSVVNSSGKLVITSRNTELK
LIDEFGRTKESYKVPYGAVLAKGDGEQVAGGETVANWDPHT(MSE)PVITEVSGFVRFTD(MSE)IDGQTITRQTDELTG
LSSLVVLDSAERTAGGKDLRPALKIVDAQGNDVLIPGTD(MSE)PAQYFLPGKAIVQLEDGVQISSGDTLARIPQESGGT
KDITGGLPR(MSE)DPAANKARKEAELAAATAEQ
;
_entity_poly.pdbx_strand_id   A,B,C,D,E
#
# COMPACT_ATOMS: atom_id res chain seq x y z
N ALA A 34 17.29 -6.92 -21.61
CA ALA A 34 17.97 -6.97 -20.32
C ALA A 34 19.04 -5.88 -20.25
N ALA A 35 19.88 -5.86 -21.28
CA ALA A 35 21.00 -4.92 -21.33
C ALA A 35 20.53 -3.50 -21.59
N GLU A 36 19.48 -3.36 -22.41
CA GLU A 36 18.88 -2.05 -22.71
C GLU A 36 18.25 -1.44 -21.47
N SER A 37 17.93 -2.25 -20.46
CA SER A 37 17.24 -1.72 -19.29
C SER A 37 18.01 -1.93 -17.97
N SER A 38 19.33 -1.86 -18.06
CA SER A 38 20.16 -1.84 -16.85
C SER A 38 21.48 -1.18 -17.19
N ILE A 39 22.25 -0.86 -16.16
CA ILE A 39 23.59 -0.32 -16.38
C ILE A 39 24.55 -1.18 -15.58
N GLN A 40 25.55 -1.71 -16.28
CA GLN A 40 26.61 -2.49 -15.66
C GLN A 40 27.90 -1.75 -16.01
N VAL A 41 28.63 -1.26 -15.01
CA VAL A 41 29.82 -0.47 -15.34
C VAL A 41 30.95 -1.38 -15.81
N LYS A 42 31.84 -0.84 -16.63
CA LYS A 42 32.91 -1.64 -17.20
C LYS A 42 34.24 -1.50 -16.44
N ASN A 43 34.34 -0.49 -15.61
CA ASN A 43 35.54 -0.29 -14.79
C ASN A 43 35.14 0.18 -13.42
N LYS A 44 36.08 0.15 -12.47
CA LYS A 44 35.77 0.66 -11.15
C LYS A 44 35.67 2.17 -11.23
N GLY A 45 35.00 2.77 -10.25
CA GLY A 45 34.87 4.22 -10.18
C GLY A 45 33.87 4.57 -9.11
N SER A 46 33.40 5.82 -9.09
CA SER A 46 32.36 6.19 -8.16
C SER A 46 31.16 6.64 -8.96
N ILE A 47 29.99 6.44 -8.39
CA ILE A 47 28.75 6.83 -9.02
C ILE A 47 28.58 8.33 -8.80
N LYS A 48 28.30 9.04 -9.87
CA LYS A 48 27.89 10.43 -9.77
C LYS A 48 26.57 10.60 -10.48
N LEU A 49 25.56 11.05 -9.74
CA LEU A 49 24.25 11.26 -10.32
C LEU A 49 23.99 12.73 -10.48
N SER A 50 23.47 13.15 -11.64
CA SER A 50 23.11 14.56 -11.75
C SER A 50 21.60 14.71 -11.96
N ASN A 51 21.06 15.83 -11.46
CA ASN A 51 19.63 16.12 -11.53
C ASN A 51 18.76 14.96 -11.03
N VAL A 52 19.08 14.47 -9.83
CA VAL A 52 18.45 13.26 -9.32
C VAL A 52 17.59 13.54 -8.09
N LYS A 53 16.43 12.91 -8.02
CA LYS A 53 15.71 12.81 -6.78
C LYS A 53 15.56 11.32 -6.57
N SER A 54 15.91 10.84 -5.39
CA SER A 54 15.73 9.41 -5.10
C SER A 54 15.11 9.21 -3.71
N VAL A 55 14.48 8.06 -3.52
CA VAL A 55 13.88 7.75 -2.23
C VAL A 55 13.90 6.23 -2.10
N VAL A 56 13.93 5.74 -0.86
CA VAL A 56 13.90 4.30 -0.64
C VAL A 56 12.46 3.84 -0.49
N ASN A 57 12.04 2.81 -1.24
CA ASN A 57 10.63 2.41 -1.17
C ASN A 57 10.41 1.27 -0.19
N SER A 58 9.20 0.72 -0.15
CA SER A 58 8.86 -0.32 0.83
C SER A 58 9.49 -1.67 0.51
N SER A 59 10.07 -1.80 -0.69
CA SER A 59 10.70 -3.04 -1.10
C SER A 59 12.19 -2.98 -0.86
N GLY A 60 12.66 -1.89 -0.27
CA GLY A 60 14.08 -1.76 0.02
C GLY A 60 14.85 -1.31 -1.21
N LYS A 61 14.14 -0.79 -2.20
CA LYS A 61 14.77 -0.29 -3.41
C LYS A 61 14.98 1.22 -3.35
N LEU A 62 16.14 1.63 -3.85
CA LEU A 62 16.46 3.04 -3.96
C LEU A 62 15.99 3.47 -5.33
N VAL A 63 14.93 4.26 -5.36
CA VAL A 63 14.23 4.52 -6.63
C VAL A 63 14.42 5.96 -7.08
N ILE A 64 14.70 6.16 -8.36
CA ILE A 64 14.85 7.50 -8.92
C ILE A 64 13.47 8.07 -9.26
N THR A 65 13.19 9.27 -8.79
CA THR A 65 11.89 9.85 -9.00
C THR A 65 11.98 11.11 -9.83
N SER A 66 13.17 11.34 -10.39
CA SER A 66 13.40 12.46 -11.28
C SER A 66 13.41 11.96 -12.73
N ARG A 67 13.21 12.85 -13.69
CA ARG A 67 13.01 12.40 -15.07
C ARG A 67 14.16 12.71 -16.04
N ASN A 68 15.13 13.53 -15.61
CA ASN A 68 16.25 13.85 -16.49
C ASN A 68 17.61 13.51 -15.86
N THR A 69 17.62 12.44 -15.09
CA THR A 69 18.81 12.03 -14.34
C THR A 69 19.90 11.50 -15.26
N GLU A 70 21.14 11.92 -15.01
CA GLU A 70 22.30 11.31 -15.64
C GLU A 70 23.14 10.61 -14.59
N LEU A 71 23.61 9.42 -14.93
CA LEU A 71 24.48 8.66 -14.06
C LEU A 71 25.82 8.61 -14.75
N LYS A 72 26.87 8.96 -14.02
CA LYS A 72 28.21 8.88 -14.55
C LYS A 72 29.08 8.04 -13.65
N LEU A 73 30.00 7.30 -14.25
CA LEU A 73 31.05 6.65 -13.50
C LEU A 73 32.27 7.55 -13.57
N ILE A 74 32.74 8.03 -12.43
CA ILE A 74 33.89 8.93 -12.42
C ILE A 74 35.04 8.36 -11.60
N ASP A 75 36.24 8.93 -11.74
CA ASP A 75 37.32 8.56 -10.83
C ASP A 75 37.27 9.47 -9.60
N GLU A 76 38.25 9.38 -8.72
CA GLU A 76 38.25 10.16 -7.49
C GLU A 76 38.51 11.65 -7.73
N PHE A 77 38.78 12.04 -8.99
CA PHE A 77 39.14 13.42 -9.29
C PHE A 77 38.14 14.04 -10.25
N GLY A 78 37.07 13.31 -10.49
CA GLY A 78 35.95 13.79 -11.28
C GLY A 78 36.03 13.50 -12.77
N ARG A 79 37.06 12.79 -13.21
CA ARG A 79 37.17 12.48 -14.63
C ARG A 79 36.09 11.46 -14.97
N THR A 80 35.39 11.68 -16.07
CA THR A 80 34.32 10.77 -16.46
C THR A 80 34.85 9.53 -17.18
N LYS A 81 34.41 8.36 -16.73
CA LYS A 81 34.72 7.11 -17.40
C LYS A 81 33.56 6.67 -18.30
N GLU A 82 32.34 6.77 -17.78
CA GLU A 82 31.14 6.33 -18.50
C GLU A 82 30.02 7.26 -18.11
N SER A 83 29.07 7.44 -19.03
CA SER A 83 27.92 8.30 -18.80
C SER A 83 26.65 7.63 -19.33
N TYR A 84 25.56 7.76 -18.60
CA TYR A 84 24.31 7.20 -19.06
C TYR A 84 23.18 8.09 -18.62
N LYS A 85 22.12 8.16 -19.42
CA LYS A 85 20.84 8.67 -18.94
C LYS A 85 20.16 7.54 -18.20
N VAL A 86 19.45 7.85 -17.13
CA VAL A 86 18.75 6.86 -16.32
C VAL A 86 17.29 7.28 -16.16
N PRO A 87 16.36 6.41 -16.53
CA PRO A 87 14.97 6.88 -16.57
C PRO A 87 14.31 6.95 -15.19
N TYR A 88 13.27 7.76 -15.12
CA TYR A 88 12.36 7.81 -13.99
C TYR A 88 11.97 6.39 -13.59
N GLY A 89 12.02 6.09 -12.30
CA GLY A 89 11.57 4.80 -11.81
C GLY A 89 12.64 3.75 -11.74
N ALA A 90 13.81 4.05 -12.29
CA ALA A 90 14.93 3.13 -12.21
C ALA A 90 15.33 2.89 -10.76
N VAL A 91 15.82 1.69 -10.51
CA VAL A 91 16.28 1.28 -9.19
C VAL A 91 17.80 1.33 -9.21
N LEU A 92 18.39 1.95 -8.20
CA LEU A 92 19.85 2.03 -8.11
C LEU A 92 20.34 1.02 -7.09
N ALA A 93 21.44 0.33 -7.37
CA ALA A 93 22.06 -0.52 -6.34
C ALA A 93 23.08 0.27 -5.57
N LYS A 94 23.52 1.39 -6.14
CA LYS A 94 24.53 2.23 -5.50
C LYS A 94 24.09 3.66 -5.66
N GLY A 95 24.15 4.44 -4.58
CA GLY A 95 23.77 5.83 -4.63
C GLY A 95 24.92 6.73 -5.06
N ASP A 96 24.63 8.02 -5.13
CA ASP A 96 25.61 9.02 -5.52
C ASP A 96 26.79 9.01 -4.57
N GLY A 97 28.00 8.99 -5.11
CA GLY A 97 29.20 8.96 -4.29
C GLY A 97 29.71 7.59 -3.92
N GLU A 98 28.95 6.54 -4.20
CA GLU A 98 29.39 5.19 -3.85
C GLU A 98 30.45 4.64 -4.83
N GLN A 99 31.47 3.98 -4.28
CA GLN A 99 32.52 3.35 -5.09
C GLN A 99 31.97 2.03 -5.62
N VAL A 100 32.27 1.70 -6.87
CA VAL A 100 31.82 0.44 -7.48
C VAL A 100 33.01 -0.18 -8.21
N ALA A 101 32.98 -1.49 -8.40
CA ALA A 101 34.03 -2.20 -9.11
C ALA A 101 33.57 -2.52 -10.53
N GLY A 102 34.52 -2.84 -11.42
CA GLY A 102 34.17 -3.21 -12.79
C GLY A 102 33.23 -4.41 -12.82
N GLY A 103 32.25 -4.40 -13.71
CA GLY A 103 31.36 -5.54 -13.84
C GLY A 103 30.11 -5.49 -12.96
N GLU A 104 30.02 -4.48 -12.12
CA GLU A 104 28.91 -4.37 -11.19
C GLU A 104 27.71 -3.73 -11.86
N THR A 105 26.54 -4.32 -11.66
CA THR A 105 25.31 -3.73 -12.16
C THR A 105 24.86 -2.69 -11.16
N VAL A 106 24.56 -1.48 -11.63
CA VAL A 106 24.33 -0.38 -10.71
C VAL A 106 22.96 0.27 -10.87
N ALA A 107 22.25 -0.10 -11.94
CA ALA A 107 20.90 0.37 -12.12
C ALA A 107 20.09 -0.64 -12.91
N ASN A 108 18.79 -0.67 -12.65
CA ASN A 108 17.89 -1.58 -13.32
C ASN A 108 16.51 -0.92 -13.47
N TRP A 109 15.88 -1.08 -14.64
CA TRP A 109 14.52 -0.59 -14.82
C TRP A 109 13.78 -1.52 -15.74
N ASP A 110 12.45 -1.40 -15.76
CA ASP A 110 11.64 -2.33 -16.55
C ASP A 110 11.75 -1.94 -18.00
N PRO A 111 12.09 -2.90 -18.88
CA PRO A 111 12.23 -2.54 -20.30
C PRO A 111 10.91 -2.18 -20.96
N HIS A 112 9.80 -2.66 -20.42
CA HIS A 112 8.53 -2.63 -21.14
C HIS A 112 7.38 -1.84 -20.46
N THR A 113 7.66 -1.24 -19.31
CA THR A 113 6.68 -0.36 -18.68
C THR A 113 7.39 0.86 -18.11
N PRO A 115 6.77 3.42 -14.75
CA PRO A 115 5.92 3.54 -13.58
C PRO A 115 5.39 4.95 -13.34
N VAL A 116 4.36 5.00 -12.49
CA VAL A 116 3.90 6.24 -11.89
C VAL A 116 4.19 5.98 -10.42
N ILE A 117 5.02 6.81 -9.81
CA ILE A 117 5.53 6.58 -8.45
C ILE A 117 5.00 7.60 -7.46
N THR A 118 4.59 7.17 -6.28
CA THR A 118 4.17 8.16 -5.30
C THR A 118 5.37 8.81 -4.65
N GLU A 119 5.26 10.10 -4.40
CA GLU A 119 6.36 10.85 -3.82
C GLU A 119 6.17 10.90 -2.32
N VAL A 120 5.06 10.35 -1.83
CA VAL A 120 4.76 10.44 -0.41
C VAL A 120 4.28 9.12 0.14
N SER A 121 4.45 8.96 1.44
CA SER A 121 4.05 7.75 2.13
C SER A 121 2.67 7.99 2.64
N GLY A 122 1.93 6.92 2.88
CA GLY A 122 0.60 7.08 3.45
C GLY A 122 -0.21 5.84 3.14
N PHE A 123 -1.47 6.04 2.75
CA PHE A 123 -2.34 4.93 2.38
C PHE A 123 -3.01 5.25 1.05
N VAL A 124 -3.26 4.20 0.27
CA VAL A 124 -3.85 4.34 -1.07
C VAL A 124 -5.37 4.48 -1.00
N ARG A 125 -5.90 5.42 -1.78
CA ARG A 125 -7.33 5.58 -1.87
C ARG A 125 -7.74 5.63 -3.35
N PHE A 126 -8.56 4.67 -3.76
CA PHE A 126 -9.10 4.64 -5.10
C PHE A 126 -10.03 5.82 -5.30
N THR A 127 -9.93 6.44 -6.48
CA THR A 127 -10.81 7.56 -6.81
C THR A 127 -11.32 7.35 -8.22
N ASP A 128 -12.64 7.36 -8.38
CA ASP A 128 -13.24 7.21 -9.72
C ASP A 128 -12.80 5.94 -10.41
N ILE A 130 -14.02 2.45 -11.13
CA ILE A 130 -15.20 1.61 -11.13
C ILE A 130 -15.10 0.59 -12.26
N ASP A 131 -15.31 -0.68 -11.90
CA ASP A 131 -15.17 -1.77 -12.87
C ASP A 131 -16.16 -1.58 -14.02
N GLY A 132 -15.68 -1.72 -15.24
CA GLY A 132 -16.52 -1.59 -16.42
C GLY A 132 -16.72 -0.15 -16.88
N GLN A 133 -16.44 0.81 -16.02
CA GLN A 133 -16.68 2.23 -16.35
C GLN A 133 -15.40 3.04 -16.56
N THR A 134 -14.42 2.90 -15.66
CA THR A 134 -13.12 3.53 -15.83
C THR A 134 -11.98 2.53 -15.81
N ILE A 135 -12.24 1.37 -15.22
CA ILE A 135 -11.25 0.30 -15.22
C ILE A 135 -11.89 -1.03 -15.55
N THR A 136 -11.08 -1.99 -15.97
CA THR A 136 -11.53 -3.35 -16.19
C THR A 136 -10.53 -4.26 -15.51
N ARG A 137 -10.97 -5.44 -15.14
CA ARG A 137 -10.06 -6.43 -14.57
C ARG A 137 -9.39 -7.16 -15.71
N GLN A 138 -8.09 -7.43 -15.59
CA GLN A 138 -7.35 -8.17 -16.61
C GLN A 138 -6.33 -9.12 -15.98
N THR A 139 -5.99 -10.18 -16.70
CA THR A 139 -5.12 -11.22 -16.15
C THR A 139 -3.99 -11.61 -17.10
N LEU A 145 -1.60 -13.82 -12.68
CA LEU A 145 -1.96 -12.75 -11.75
C LEU A 145 -2.94 -11.76 -12.38
N SER A 146 -3.85 -11.25 -11.57
CA SER A 146 -4.84 -10.30 -12.07
C SER A 146 -4.38 -8.85 -11.89
N SER A 147 -4.95 -7.95 -12.67
CA SER A 147 -4.62 -6.53 -12.56
C SER A 147 -5.79 -5.66 -12.95
N LEU A 148 -5.79 -4.43 -12.45
CA LEU A 148 -6.75 -3.41 -12.89
C LEU A 148 -6.14 -2.60 -14.02
N VAL A 149 -6.88 -2.43 -15.11
CA VAL A 149 -6.35 -1.72 -16.26
C VAL A 149 -7.26 -0.54 -16.48
N VAL A 150 -6.68 0.64 -16.63
CA VAL A 150 -7.50 1.82 -16.81
C VAL A 150 -8.02 1.89 -18.24
N LEU A 151 -9.33 2.03 -18.39
CA LEU A 151 -9.93 2.16 -19.70
C LEU A 151 -9.56 3.53 -20.23
N ASP A 152 -9.09 3.59 -21.46
CA ASP A 152 -8.87 4.90 -22.07
C ASP A 152 -10.23 5.52 -22.39
N SER A 153 -10.22 6.81 -22.74
CA SER A 153 -11.46 7.57 -22.93
C SER A 153 -12.54 6.92 -23.82
N ALA A 154 -12.13 6.36 -24.95
CA ALA A 154 -13.11 5.78 -25.88
C ALA A 154 -13.80 4.53 -25.33
N GLU A 155 -13.10 3.81 -24.47
CA GLU A 155 -13.59 2.54 -23.92
C GLU A 155 -14.52 2.70 -22.71
N ARG A 156 -14.99 3.90 -22.43
CA ARG A 156 -15.77 4.13 -21.22
C ARG A 156 -17.24 4.37 -21.47
N THR A 157 -18.06 4.01 -20.49
CA THR A 157 -19.49 4.29 -20.49
C THR A 157 -19.72 5.80 -20.52
N ALA A 158 -20.95 6.21 -20.81
CA ALA A 158 -21.32 7.64 -20.84
C ALA A 158 -20.81 8.44 -19.63
N GLY A 159 -21.17 8.02 -18.42
CA GLY A 159 -20.72 8.70 -17.22
C GLY A 159 -19.22 8.62 -16.98
N GLY A 160 -18.60 7.54 -17.45
CA GLY A 160 -17.19 7.29 -17.21
C GLY A 160 -16.26 8.24 -17.94
N LYS A 161 -16.67 8.71 -19.11
CA LYS A 161 -15.86 9.63 -19.90
C LYS A 161 -15.59 10.95 -19.15
N ASP A 162 -16.50 11.31 -18.25
CA ASP A 162 -16.32 12.48 -17.40
C ASP A 162 -15.49 12.14 -16.16
N LEU A 163 -15.32 10.85 -15.89
CA LEU A 163 -14.55 10.40 -14.73
C LEU A 163 -13.05 10.41 -15.00
N ARG A 164 -12.27 10.56 -13.93
CA ARG A 164 -10.82 10.65 -14.02
C ARG A 164 -10.28 9.79 -12.91
N PRO A 165 -10.06 8.49 -13.19
CA PRO A 165 -9.50 7.55 -12.20
C PRO A 165 -8.16 8.01 -11.66
N ALA A 166 -8.01 7.91 -10.35
CA ALA A 166 -6.81 8.37 -9.67
C ALA A 166 -6.50 7.49 -8.45
N LEU A 167 -5.24 7.50 -8.03
CA LEU A 167 -4.89 6.95 -6.75
C LEU A 167 -4.43 8.12 -5.90
N LYS A 168 -5.18 8.39 -4.84
CA LYS A 168 -4.87 9.45 -3.92
C LYS A 168 -4.14 8.84 -2.74
N ILE A 169 -3.12 9.55 -2.24
CA ILE A 169 -2.45 9.12 -1.01
C ILE A 169 -2.97 9.88 0.20
N VAL A 170 -3.45 9.16 1.23
CA VAL A 170 -3.92 9.81 2.46
C VAL A 170 -3.15 9.32 3.67
N ASP A 171 -3.23 10.03 4.79
CA ASP A 171 -2.58 9.55 6.02
C ASP A 171 -3.48 8.53 6.73
N ALA A 172 -3.05 8.05 7.89
CA ALA A 172 -3.77 6.97 8.57
C ALA A 172 -5.23 7.34 8.87
N GLN A 173 -5.49 8.63 9.01
CA GLN A 173 -6.83 9.12 9.37
C GLN A 173 -7.70 9.34 8.14
N GLY A 174 -7.06 9.46 6.98
CA GLY A 174 -7.79 9.78 5.76
C GLY A 174 -7.56 11.22 5.30
N ASN A 175 -6.68 11.94 5.99
CA ASN A 175 -6.35 13.31 5.57
C ASN A 175 -5.54 13.30 4.31
N ASP A 176 -5.91 14.17 3.37
CA ASP A 176 -5.13 14.33 2.14
C ASP A 176 -3.66 14.63 2.49
N VAL A 177 -2.75 13.96 1.78
CA VAL A 177 -1.31 14.26 1.92
C VAL A 177 -0.89 15.15 0.76
N LEU A 178 0.00 16.11 1.02
CA LEU A 178 0.50 16.99 -0.02
C LEU A 178 1.82 16.51 -0.65
N ILE A 179 2.00 16.81 -1.94
CA ILE A 179 3.25 16.47 -2.60
C ILE A 179 4.35 17.42 -2.12
N PRO A 180 5.53 16.86 -1.75
CA PRO A 180 6.61 17.66 -1.16
C PRO A 180 7.10 18.73 -2.12
N GLY A 181 7.21 19.96 -1.64
CA GLY A 181 7.63 21.06 -2.49
C GLY A 181 6.46 21.92 -2.92
N THR A 182 5.25 21.38 -2.82
CA THR A 182 4.04 22.04 -3.32
C THR A 182 2.94 22.13 -2.27
N ASP A 183 1.85 22.76 -2.63
CA ASP A 183 0.61 22.67 -1.86
C ASP A 183 -0.39 21.77 -2.61
N PRO A 185 -2.18 18.30 -3.79
CA PRO A 185 -2.42 16.99 -3.15
C PRO A 185 -1.79 15.85 -3.92
N ALA A 186 -1.44 14.82 -3.17
CA ALA A 186 -0.81 13.64 -3.73
C ALA A 186 -1.86 12.77 -4.39
N GLN A 187 -2.54 13.33 -5.39
CA GLN A 187 -3.48 12.54 -6.18
C GLN A 187 -2.85 12.24 -7.53
N TYR A 188 -2.66 10.95 -7.82
CA TYR A 188 -2.01 10.54 -9.06
C TYR A 188 -3.05 9.97 -9.99
N PHE A 189 -3.36 10.72 -11.04
CA PHE A 189 -4.34 10.26 -12.00
C PHE A 189 -3.74 9.18 -12.87
N LEU A 190 -4.56 8.28 -13.38
CA LEU A 190 -4.06 7.16 -14.17
C LEU A 190 -4.39 7.34 -15.65
N PRO A 191 -3.36 7.37 -16.51
CA PRO A 191 -3.69 7.53 -17.93
C PRO A 191 -4.25 6.20 -18.44
N GLY A 192 -4.89 6.21 -19.61
CA GLY A 192 -5.47 4.99 -20.14
C GLY A 192 -4.41 3.91 -20.31
N LYS A 193 -4.80 2.65 -20.19
CA LYS A 193 -3.90 1.49 -20.29
C LYS A 193 -2.98 1.35 -19.08
N ALA A 194 -3.01 2.31 -18.16
CA ALA A 194 -2.25 2.12 -16.93
C ALA A 194 -2.71 0.85 -16.20
N ILE A 195 -1.74 0.08 -15.72
CA ILE A 195 -1.97 -1.14 -14.97
C ILE A 195 -1.76 -0.91 -13.48
N VAL A 196 -2.80 -1.23 -12.69
CA VAL A 196 -2.74 -1.08 -11.23
C VAL A 196 -2.86 -2.45 -10.55
N GLN A 197 -1.99 -2.73 -9.58
CA GLN A 197 -2.08 -3.97 -8.83
C GLN A 197 -2.39 -3.76 -7.33
N LEU A 198 -2.20 -2.54 -6.86
CA LEU A 198 -2.51 -2.16 -5.46
C LEU A 198 -3.97 -2.43 -5.10
N GLU A 199 -4.22 -2.66 -3.82
CA GLU A 199 -5.60 -2.71 -3.32
C GLU A 199 -5.93 -1.39 -2.66
N ASP A 200 -7.21 -1.03 -2.67
CA ASP A 200 -7.67 0.21 -2.05
C ASP A 200 -7.44 0.18 -0.53
N GLY A 201 -6.97 1.30 0.03
CA GLY A 201 -6.78 1.40 1.47
C GLY A 201 -5.45 0.87 2.00
N VAL A 202 -4.62 0.33 1.12
CA VAL A 202 -3.38 -0.33 1.55
C VAL A 202 -2.30 0.71 1.88
N GLN A 203 -1.46 0.39 2.86
CA GLN A 203 -0.39 1.29 3.27
C GLN A 203 0.65 1.37 2.16
N ILE A 204 1.24 2.55 1.97
CA ILE A 204 2.19 2.70 0.88
C ILE A 204 3.33 3.61 1.30
N SER A 205 4.51 3.40 0.74
CA SER A 205 5.65 4.25 1.07
C SER A 205 6.09 5.09 -0.12
N SER A 206 6.67 6.26 0.12
CA SER A 206 7.25 7.06 -0.94
C SER A 206 8.20 6.19 -1.78
N GLY A 207 8.16 6.37 -3.10
CA GLY A 207 8.97 5.59 -4.01
C GLY A 207 8.31 4.31 -4.51
N ASP A 208 7.19 3.91 -3.90
CA ASP A 208 6.46 2.73 -4.37
C ASP A 208 5.72 3.07 -5.67
N THR A 209 5.68 2.09 -6.58
CA THR A 209 4.99 2.23 -7.85
C THR A 209 3.47 2.17 -7.66
N LEU A 210 2.76 3.15 -8.22
CA LEU A 210 1.31 3.17 -8.12
C LEU A 210 0.66 2.45 -9.27
N ALA A 211 1.28 2.53 -10.44
CA ALA A 211 0.67 2.00 -11.65
C ALA A 211 1.78 1.88 -12.66
N ARG A 212 1.61 1.04 -13.66
CA ARG A 212 2.61 0.93 -14.72
C ARG A 212 1.97 1.21 -16.06
N ILE A 213 2.61 2.10 -16.83
CA ILE A 213 2.17 2.41 -18.17
C ILE A 213 2.94 1.57 -19.17
N PRO A 214 2.22 0.73 -19.92
CA PRO A 214 2.82 -0.23 -20.85
C PRO A 214 3.55 0.50 -21.95
N GLN A 215 4.74 0.01 -22.31
CA GLN A 215 5.63 0.73 -23.19
C GLN A 215 6.22 -0.23 -24.23
N GLU A 216 6.78 0.33 -25.31
CA GLU A 216 7.47 -0.48 -26.31
C GLU A 216 8.90 -0.84 -25.89
N SER B 37 2.30 29.91 -11.51
CA SER B 37 1.13 30.41 -10.81
C SER B 37 0.26 29.25 -10.31
N SER B 38 -0.75 29.57 -9.51
CA SER B 38 -1.61 28.54 -8.94
C SER B 38 -2.92 29.14 -8.44
N ILE B 39 -3.93 28.30 -8.28
CA ILE B 39 -5.18 28.77 -7.71
C ILE B 39 -5.36 28.16 -6.33
N GLN B 40 -5.45 29.04 -5.35
CA GLN B 40 -5.72 28.66 -3.98
C GLN B 40 -7.11 29.18 -3.64
N VAL B 41 -8.05 28.27 -3.37
CA VAL B 41 -9.39 28.71 -3.03
C VAL B 41 -9.42 29.20 -1.59
N LYS B 42 -10.34 30.12 -1.31
CA LYS B 42 -10.41 30.75 -0.01
C LYS B 42 -11.68 30.38 0.74
N ASN B 43 -12.60 29.70 0.06
CA ASN B 43 -13.85 29.27 0.68
C ASN B 43 -14.12 27.79 0.44
N LYS B 44 -14.92 27.20 1.33
CA LYS B 44 -15.35 25.82 1.13
C LYS B 44 -16.37 25.78 0.00
N GLY B 45 -16.46 24.65 -0.70
CA GLY B 45 -17.43 24.52 -1.78
C GLY B 45 -17.07 23.40 -2.75
N SER B 46 -17.74 23.36 -3.89
CA SER B 46 -17.35 22.41 -4.93
C SER B 46 -16.74 23.16 -6.13
N ILE B 47 -15.77 22.52 -6.78
CA ILE B 47 -15.08 23.09 -7.94
C ILE B 47 -15.88 22.77 -9.20
N LYS B 48 -16.21 23.79 -9.97
CA LYS B 48 -16.85 23.58 -11.26
C LYS B 48 -15.97 24.12 -12.39
N LEU B 49 -15.75 23.30 -13.43
CA LEU B 49 -14.98 23.75 -14.59
C LEU B 49 -15.88 23.95 -15.81
N SER B 50 -15.73 25.09 -16.48
CA SER B 50 -16.54 25.37 -17.66
C SER B 50 -15.68 25.27 -18.90
N ASN B 51 -16.27 24.80 -19.99
CA ASN B 51 -15.60 24.67 -21.28
C ASN B 51 -14.23 24.02 -21.13
N VAL B 52 -14.23 22.83 -20.54
CA VAL B 52 -12.98 22.19 -20.19
C VAL B 52 -12.77 20.93 -21.03
N LYS B 53 -11.52 20.69 -21.40
CA LYS B 53 -11.12 19.41 -21.94
C LYS B 53 -9.92 19.06 -21.08
N SER B 54 -9.91 17.86 -20.52
CA SER B 54 -8.79 17.44 -19.72
C SER B 54 -8.40 16.03 -20.11
N VAL B 55 -7.14 15.70 -19.86
CA VAL B 55 -6.61 14.39 -20.18
C VAL B 55 -5.51 14.10 -19.17
N VAL B 56 -5.28 12.83 -18.87
CA VAL B 56 -4.29 12.49 -17.84
C VAL B 56 -3.00 12.15 -18.55
N ASN B 57 -1.90 12.78 -18.13
CA ASN B 57 -0.62 12.53 -18.81
C ASN B 57 0.19 11.40 -18.18
N SER B 58 1.35 11.10 -18.76
CA SER B 58 2.11 9.94 -18.32
C SER B 58 2.77 10.15 -16.97
N SER B 59 2.77 11.39 -16.47
CA SER B 59 3.29 11.67 -15.15
C SER B 59 2.20 11.60 -14.08
N GLY B 60 0.97 11.27 -14.48
CA GLY B 60 -0.11 11.14 -13.52
C GLY B 60 -0.77 12.48 -13.22
N LYS B 61 -0.59 13.46 -14.11
CA LYS B 61 -1.21 14.76 -13.92
C LYS B 61 -2.45 14.88 -14.78
N LEU B 62 -3.49 15.50 -14.21
CA LEU B 62 -4.69 15.83 -14.96
C LEU B 62 -4.49 17.21 -15.56
N VAL B 63 -4.35 17.24 -16.89
CA VAL B 63 -3.92 18.43 -17.60
C VAL B 63 -5.05 19.02 -18.45
N ILE B 64 -5.21 20.33 -18.37
CA ILE B 64 -6.20 21.01 -19.19
C ILE B 64 -5.70 21.23 -20.61
N THR B 65 -6.48 20.82 -21.60
CA THR B 65 -6.06 21.00 -22.97
C THR B 65 -7.04 21.90 -23.70
N SER B 66 -7.92 22.53 -22.94
CA SER B 66 -8.78 23.59 -23.46
C SER B 66 -8.12 24.96 -23.22
N ARG B 67 -8.65 25.99 -23.86
CA ARG B 67 -7.98 27.29 -23.88
C ARG B 67 -8.85 28.42 -23.32
N ASN B 68 -10.15 28.17 -23.16
CA ASN B 68 -11.02 29.14 -22.52
C ASN B 68 -11.67 28.54 -21.26
N THR B 69 -10.87 27.84 -20.48
CA THR B 69 -11.41 27.15 -19.30
C THR B 69 -11.51 28.08 -18.10
N GLU B 70 -12.64 28.00 -17.40
CA GLU B 70 -12.83 28.76 -16.18
C GLU B 70 -13.06 27.79 -15.03
N LEU B 71 -12.54 28.16 -13.85
CA LEU B 71 -12.64 27.31 -12.68
C LEU B 71 -13.49 28.03 -11.66
N LYS B 72 -14.66 27.48 -11.37
CA LYS B 72 -15.60 28.13 -10.46
C LYS B 72 -15.60 27.44 -9.11
N LEU B 73 -15.75 28.23 -8.05
CA LEU B 73 -15.96 27.71 -6.70
C LEU B 73 -17.44 27.89 -6.33
N ILE B 74 -18.17 26.78 -6.38
CA ILE B 74 -19.60 26.79 -6.10
C ILE B 74 -19.88 26.55 -4.62
N ASP B 75 -20.35 27.58 -3.92
CA ASP B 75 -20.64 27.48 -2.50
C ASP B 75 -21.86 26.58 -2.26
N ARG B 79 -24.45 28.78 -6.03
CA ARG B 79 -23.99 30.17 -6.12
C ARG B 79 -22.48 30.23 -6.20
N THR B 80 -21.96 30.96 -7.19
CA THR B 80 -20.53 31.05 -7.42
C THR B 80 -19.86 32.00 -6.42
N LYS B 81 -18.95 31.47 -5.62
CA LYS B 81 -18.23 32.28 -4.63
C LYS B 81 -16.95 32.84 -5.22
N GLU B 82 -16.29 32.02 -6.02
CA GLU B 82 -15.04 32.40 -6.67
C GLU B 82 -15.01 31.88 -8.10
N SER B 83 -14.38 32.64 -8.99
CA SER B 83 -14.23 32.25 -10.40
C SER B 83 -12.83 32.61 -10.88
N TYR B 84 -12.21 31.68 -11.62
CA TYR B 84 -10.82 31.79 -12.03
C TYR B 84 -10.60 31.30 -13.47
N LYS B 85 -9.75 31.99 -14.22
CA LYS B 85 -9.39 31.49 -15.54
C LYS B 85 -8.24 30.48 -15.40
N VAL B 86 -8.34 29.36 -16.09
CA VAL B 86 -7.25 28.38 -16.09
C VAL B 86 -6.62 28.32 -17.48
N PRO B 87 -5.30 28.50 -17.56
CA PRO B 87 -4.63 28.51 -18.86
C PRO B 87 -4.48 27.09 -19.43
N TYR B 88 -4.40 26.99 -20.75
CA TYR B 88 -4.07 25.75 -21.44
C TYR B 88 -2.84 25.12 -20.79
N GLY B 89 -2.89 23.84 -20.49
CA GLY B 89 -1.72 23.16 -19.93
C GLY B 89 -1.58 23.10 -18.42
N ALA B 90 -2.45 23.81 -17.71
CA ALA B 90 -2.44 23.77 -16.24
C ALA B 90 -2.76 22.37 -15.76
N VAL B 91 -2.23 22.06 -14.57
CA VAL B 91 -2.48 20.80 -13.92
C VAL B 91 -3.58 21.05 -12.89
N LEU B 92 -4.61 20.20 -12.91
CA LEU B 92 -5.67 20.24 -11.90
C LEU B 92 -5.35 19.30 -10.76
N ALA B 93 -5.55 19.77 -9.52
CA ALA B 93 -5.28 18.95 -8.35
C ALA B 93 -6.24 17.76 -8.27
N LYS B 94 -7.51 18.02 -8.52
CA LYS B 94 -8.54 16.98 -8.37
C LYS B 94 -9.55 16.96 -9.52
N GLY B 95 -9.78 18.11 -10.11
CA GLY B 95 -10.70 18.18 -11.25
C GLY B 95 -12.14 18.48 -10.89
N ASP B 96 -12.94 18.67 -11.93
CA ASP B 96 -14.36 18.99 -11.83
C ASP B 96 -15.10 18.12 -10.81
N GLY B 97 -15.88 18.75 -9.92
CA GLY B 97 -16.58 18.02 -8.87
C GLY B 97 -15.79 17.95 -7.57
N GLU B 98 -14.62 18.56 -7.56
CA GLU B 98 -13.81 18.58 -6.34
C GLU B 98 -14.50 19.39 -5.26
N GLN B 99 -14.76 18.77 -4.12
CA GLN B 99 -15.17 19.50 -2.92
C GLN B 99 -13.91 20.05 -2.25
N VAL B 100 -13.91 21.31 -1.85
CA VAL B 100 -12.74 21.88 -1.18
C VAL B 100 -13.15 22.54 0.14
N ALA B 101 -12.25 22.53 1.13
CA ALA B 101 -12.47 23.33 2.33
C ALA B 101 -11.86 24.69 2.02
N GLY B 102 -11.25 25.32 3.01
CA GLY B 102 -10.54 26.56 2.74
C GLY B 102 -9.04 26.34 2.65
N GLY B 103 -8.39 27.04 1.73
CA GLY B 103 -6.94 27.03 1.65
C GLY B 103 -6.31 26.03 0.71
N GLU B 104 -7.11 25.27 -0.04
CA GLU B 104 -6.54 24.28 -0.96
C GLU B 104 -6.02 24.91 -2.24
N THR B 105 -4.89 24.39 -2.73
CA THR B 105 -4.47 24.71 -4.08
C THR B 105 -5.17 23.72 -5.00
N VAL B 106 -5.81 24.22 -6.04
CA VAL B 106 -6.65 23.36 -6.86
C VAL B 106 -6.16 23.29 -8.30
N ALA B 107 -5.20 24.14 -8.64
CA ALA B 107 -4.56 24.10 -9.95
C ALA B 107 -3.25 24.81 -9.87
N ASN B 108 -2.28 24.39 -10.67
CA ASN B 108 -1.10 25.21 -10.88
C ASN B 108 -0.54 25.07 -12.28
N TRP B 109 0.36 25.97 -12.64
CA TRP B 109 0.93 26.00 -13.99
C TRP B 109 2.17 26.89 -13.96
N ASP B 110 2.99 26.76 -15.00
CA ASP B 110 4.13 27.66 -15.20
C ASP B 110 3.64 28.91 -15.95
N PRO B 111 3.78 30.09 -15.34
CA PRO B 111 3.29 31.29 -16.02
C PRO B 111 4.31 31.82 -17.03
N HIS B 112 5.52 31.26 -17.04
CA HIS B 112 6.58 31.73 -17.92
C HIS B 112 6.65 31.00 -19.27
N THR B 113 5.94 29.87 -19.38
CA THR B 113 5.90 29.13 -20.64
C THR B 113 4.49 28.67 -21.02
N PRO B 115 2.84 25.48 -22.94
CA PRO B 115 3.22 24.16 -23.47
C PRO B 115 2.51 23.86 -24.77
N VAL B 116 3.16 23.06 -25.61
CA VAL B 116 2.46 22.42 -26.70
C VAL B 116 2.26 20.98 -26.24
N ILE B 117 1.02 20.55 -26.20
CA ILE B 117 0.65 19.29 -25.55
C ILE B 117 0.05 18.32 -26.57
N THR B 118 0.49 17.07 -26.56
CA THR B 118 -0.07 16.13 -27.50
C THR B 118 -1.45 15.69 -27.05
N GLU B 119 -2.37 15.61 -28.00
CA GLU B 119 -3.71 15.16 -27.71
C GLU B 119 -3.78 13.65 -27.84
N VAL B 120 -2.72 13.02 -28.31
CA VAL B 120 -2.77 11.58 -28.56
C VAL B 120 -1.57 10.85 -28.02
N SER B 121 -1.70 9.54 -27.87
CA SER B 121 -0.60 8.74 -27.35
C SER B 121 0.14 8.17 -28.55
N GLY B 122 1.43 7.92 -28.39
CA GLY B 122 2.22 7.30 -29.42
C GLY B 122 3.71 7.55 -29.26
N PHE B 123 4.39 7.69 -30.39
CA PHE B 123 5.82 7.97 -30.41
C PHE B 123 6.13 9.26 -31.14
N VAL B 124 7.05 10.03 -30.56
CA VAL B 124 7.44 11.29 -31.13
C VAL B 124 8.40 11.04 -32.30
N ARG B 125 8.10 11.65 -33.44
CA ARG B 125 9.01 11.62 -34.58
C ARG B 125 9.29 13.03 -35.08
N PHE B 126 10.54 13.48 -34.94
CA PHE B 126 10.91 14.82 -35.37
C PHE B 126 10.79 14.88 -36.87
N THR B 127 10.28 15.99 -37.40
CA THR B 127 10.32 16.27 -38.84
C THR B 127 10.78 17.70 -39.09
N ASP B 128 11.52 17.90 -40.18
CA ASP B 128 12.05 19.22 -40.56
C ASP B 128 12.89 19.85 -39.44
N ILE B 130 16.41 20.15 -38.17
CA ILE B 130 17.77 20.00 -38.65
C ILE B 130 18.70 20.94 -37.90
N ASP B 131 19.72 20.37 -37.27
CA ASP B 131 20.69 21.13 -36.52
C ASP B 131 21.35 22.18 -37.40
N GLY B 132 21.35 23.43 -36.94
CA GLY B 132 21.98 24.50 -37.70
C GLY B 132 21.05 25.19 -38.70
N GLN B 133 19.98 24.51 -39.10
CA GLN B 133 19.05 25.08 -40.08
C GLN B 133 17.72 25.53 -39.46
N THR B 134 17.10 24.67 -38.67
CA THR B 134 15.84 25.00 -38.02
C THR B 134 15.92 24.84 -36.50
N ILE B 135 16.93 24.09 -36.07
CA ILE B 135 17.10 23.77 -34.65
C ILE B 135 18.53 24.06 -34.24
N THR B 136 18.69 24.61 -33.03
CA THR B 136 20.01 24.68 -32.42
C THR B 136 19.91 24.14 -31.00
N ARG B 137 21.01 23.54 -30.54
CA ARG B 137 21.06 22.96 -29.20
C ARG B 137 21.42 24.05 -28.20
N GLN B 138 20.81 24.02 -27.02
CA GLN B 138 21.10 24.99 -25.96
C GLN B 138 21.29 24.25 -24.63
N THR B 139 22.08 24.82 -23.72
CA THR B 139 22.40 24.13 -22.49
C THR B 139 22.28 25.03 -21.26
N ASP B 140 21.36 24.70 -20.36
CA ASP B 140 21.19 25.42 -19.10
C ASP B 140 22.40 25.20 -18.18
N GLU B 141 23.06 26.28 -17.78
CA GLU B 141 24.26 26.19 -16.95
C GLU B 141 23.97 25.71 -15.52
N THR B 143 20.93 22.82 -14.09
CA THR B 143 20.66 21.63 -14.88
C THR B 143 21.93 21.03 -15.47
N GLY B 144 22.56 21.75 -16.40
CA GLY B 144 23.55 21.14 -17.28
C GLY B 144 22.81 20.35 -18.35
N LEU B 145 21.49 20.48 -18.37
CA LEU B 145 20.66 19.74 -19.30
C LEU B 145 20.60 20.46 -20.64
N SER B 146 20.58 19.70 -21.72
CA SER B 146 20.54 20.29 -23.05
C SER B 146 19.17 20.19 -23.69
N SER B 147 18.72 21.29 -24.30
CA SER B 147 17.44 21.31 -24.99
C SER B 147 17.60 21.77 -26.43
N LEU B 148 16.54 21.65 -27.21
CA LEU B 148 16.55 22.09 -28.59
C LEU B 148 15.68 23.33 -28.73
N VAL B 149 16.17 24.33 -29.44
CA VAL B 149 15.38 25.54 -29.68
C VAL B 149 15.06 25.67 -31.16
N VAL B 150 13.80 25.96 -31.48
CA VAL B 150 13.42 26.19 -32.88
C VAL B 150 13.88 27.59 -33.30
N LEU B 151 14.74 27.64 -34.30
CA LEU B 151 15.20 28.91 -34.82
C LEU B 151 14.04 29.69 -35.42
N ASP B 152 13.92 30.96 -35.06
CA ASP B 152 12.96 31.85 -35.71
C ASP B 152 13.42 32.04 -37.15
N SER B 153 12.52 32.49 -38.03
CA SER B 153 12.86 32.67 -39.44
C SER B 153 14.02 33.65 -39.64
N ALA B 154 14.04 34.75 -38.90
CA ALA B 154 15.14 35.70 -38.94
C ALA B 154 16.49 35.00 -38.78
N GLU B 155 16.63 34.25 -37.69
CA GLU B 155 17.84 33.48 -37.41
C GLU B 155 18.07 32.33 -38.39
N ARG B 156 17.07 32.00 -39.20
CA ARG B 156 17.20 30.92 -40.17
C ARG B 156 17.89 31.33 -41.47
N THR B 157 18.41 30.34 -42.19
CA THR B 157 19.10 30.57 -43.47
C THR B 157 18.17 30.36 -44.66
N ALA B 158 18.78 30.06 -45.81
CA ALA B 158 18.07 29.93 -47.08
C ALA B 158 17.06 28.78 -47.12
N GLY B 159 17.54 27.56 -46.87
CA GLY B 159 16.68 26.39 -46.93
C GLY B 159 15.84 26.21 -45.68
N GLY B 160 16.43 26.55 -44.54
CA GLY B 160 15.72 26.44 -43.25
C GLY B 160 14.42 27.21 -43.22
N LYS B 161 14.40 28.39 -43.83
CA LYS B 161 13.20 29.23 -43.88
C LYS B 161 11.98 28.53 -44.50
N ASP B 162 12.25 27.60 -45.42
CA ASP B 162 11.19 26.84 -46.09
C ASP B 162 10.75 25.61 -45.29
N LEU B 163 11.52 25.23 -44.28
CA LEU B 163 11.20 24.07 -43.47
C LEU B 163 10.18 24.37 -42.37
N ARG B 164 9.41 23.36 -41.99
CA ARG B 164 8.38 23.54 -40.98
C ARG B 164 8.54 22.51 -39.88
N PRO B 165 9.48 22.74 -38.95
CA PRO B 165 9.77 21.75 -37.90
C PRO B 165 8.51 21.36 -37.13
N ALA B 166 8.43 20.08 -36.81
CA ALA B 166 7.20 19.57 -36.22
C ALA B 166 7.52 18.28 -35.52
N LEU B 167 6.71 17.98 -34.49
CA LEU B 167 6.80 16.72 -33.80
C LEU B 167 5.56 15.96 -34.21
N LYS B 168 5.77 14.91 -34.98
CA LYS B 168 4.67 14.12 -35.48
C LYS B 168 4.50 12.94 -34.54
N ILE B 169 3.25 12.56 -34.25
CA ILE B 169 3.03 11.39 -33.43
C ILE B 169 2.74 10.18 -34.31
N VAL B 170 3.48 9.11 -34.08
CA VAL B 170 3.31 7.88 -34.79
C VAL B 170 3.08 6.73 -33.85
N ASP B 171 2.52 5.65 -34.36
CA ASP B 171 2.30 4.45 -33.56
C ASP B 171 3.52 3.53 -33.58
N ALA B 172 3.45 2.39 -32.93
CA ALA B 172 4.61 1.53 -32.83
C ALA B 172 4.97 1.00 -34.21
N GLN B 173 3.93 0.82 -34.98
CA GLN B 173 4.02 0.34 -36.31
C GLN B 173 4.61 1.43 -37.23
N GLY B 174 4.66 2.67 -36.76
CA GLY B 174 5.23 3.75 -37.54
C GLY B 174 4.28 4.54 -38.40
N ASN B 175 3.00 4.26 -38.29
CA ASN B 175 2.00 5.00 -39.01
C ASN B 175 1.53 6.24 -38.26
N ASP B 176 0.99 7.22 -38.95
CA ASP B 176 0.44 8.41 -38.31
C ASP B 176 -0.60 8.11 -37.24
N VAL B 177 -0.56 8.82 -36.16
CA VAL B 177 -1.66 8.76 -35.21
C VAL B 177 -2.60 9.92 -35.50
N LEU B 178 -3.90 9.65 -35.49
CA LEU B 178 -4.93 10.65 -35.76
C LEU B 178 -5.55 11.22 -34.48
N ILE B 179 -5.85 12.51 -34.50
CA ILE B 179 -6.57 13.13 -33.39
C ILE B 179 -8.02 12.69 -33.46
N PRO B 180 -8.52 12.00 -32.42
CA PRO B 180 -9.93 11.57 -32.41
C PRO B 180 -10.90 12.74 -32.55
N GLY B 181 -12.03 12.52 -33.22
CA GLY B 181 -12.97 13.59 -33.47
C GLY B 181 -12.85 14.01 -34.92
N THR B 182 -11.78 14.72 -35.24
CA THR B 182 -11.38 14.89 -36.62
C THR B 182 -10.62 13.62 -36.96
N ASP B 183 -10.05 13.55 -38.15
CA ASP B 183 -9.10 12.49 -38.43
C ASP B 183 -7.88 13.14 -39.02
N PRO B 185 -4.02 13.94 -38.90
CA PRO B 185 -2.82 13.34 -38.30
C PRO B 185 -2.25 14.26 -37.24
N ALA B 186 -1.79 13.67 -36.14
CA ALA B 186 -1.21 14.45 -35.06
C ALA B 186 0.20 14.85 -35.43
N GLN B 187 0.36 16.07 -35.91
CA GLN B 187 1.68 16.61 -36.19
C GLN B 187 1.73 17.99 -35.58
N TYR B 188 2.56 18.15 -34.56
CA TYR B 188 2.64 19.43 -33.86
C TYR B 188 3.79 20.26 -34.35
N PHE B 189 3.44 21.25 -35.18
CA PHE B 189 4.42 22.16 -35.75
C PHE B 189 4.91 23.09 -34.66
N LEU B 190 6.20 23.42 -34.72
CA LEU B 190 6.81 24.22 -33.67
C LEU B 190 7.12 25.64 -34.14
N PRO B 191 6.58 26.64 -33.44
CA PRO B 191 6.86 28.03 -33.86
C PRO B 191 8.27 28.40 -33.46
N GLY B 192 8.77 29.51 -34.02
CA GLY B 192 10.04 30.05 -33.59
C GLY B 192 10.04 30.19 -32.07
N LYS B 193 11.18 29.88 -31.47
CA LYS B 193 11.43 30.07 -30.03
C LYS B 193 10.97 28.90 -29.14
N ALA B 194 10.18 27.97 -29.70
CA ALA B 194 9.75 26.81 -28.93
C ALA B 194 10.94 26.01 -28.47
N ILE B 195 10.85 25.46 -27.26
CA ILE B 195 11.95 24.68 -26.69
C ILE B 195 11.51 23.23 -26.54
N VAL B 196 12.31 22.31 -27.09
CA VAL B 196 12.05 20.88 -26.99
C VAL B 196 13.11 20.20 -26.12
N GLN B 197 12.68 19.51 -25.05
CA GLN B 197 13.58 18.79 -24.18
C GLN B 197 13.65 17.29 -24.49
N LEU B 198 12.56 16.74 -25.01
CA LEU B 198 12.47 15.29 -25.24
C LEU B 198 13.35 14.83 -26.40
N GLU B 199 13.56 13.52 -26.48
CA GLU B 199 14.37 12.90 -27.51
C GLU B 199 13.45 12.36 -28.59
N ASP B 200 13.92 12.42 -29.83
CA ASP B 200 13.19 11.88 -30.98
C ASP B 200 12.95 10.38 -30.75
N GLY B 201 11.75 9.90 -31.02
CA GLY B 201 11.46 8.48 -30.86
C GLY B 201 10.82 8.11 -29.53
N VAL B 202 10.80 9.05 -28.59
CA VAL B 202 10.27 8.78 -27.25
C VAL B 202 8.78 8.45 -27.25
N GLN B 203 8.40 7.44 -26.46
CA GLN B 203 7.00 7.11 -26.29
C GLN B 203 6.33 8.18 -25.45
N ILE B 204 5.12 8.55 -25.84
CA ILE B 204 4.42 9.66 -25.22
C ILE B 204 2.98 9.27 -24.93
N SER B 205 2.37 9.88 -23.92
CA SER B 205 0.93 9.71 -23.69
C SER B 205 0.21 11.01 -23.95
N SER B 206 -1.08 10.93 -24.27
CA SER B 206 -1.90 12.11 -24.52
C SER B 206 -1.82 13.01 -23.29
N GLY B 207 -1.68 14.32 -23.50
CA GLY B 207 -1.55 15.22 -22.37
C GLY B 207 -0.11 15.46 -21.97
N ASP B 208 0.82 14.71 -22.54
CA ASP B 208 2.22 14.99 -22.29
C ASP B 208 2.63 16.28 -22.99
N THR B 209 3.52 17.02 -22.35
CA THR B 209 4.05 18.25 -22.95
C THR B 209 5.10 17.92 -24.01
N LEU B 210 4.90 18.43 -25.23
CA LEU B 210 5.83 18.17 -26.32
C LEU B 210 6.94 19.23 -26.45
N ALA B 211 6.55 20.49 -26.24
CA ALA B 211 7.48 21.59 -26.39
C ALA B 211 6.97 22.69 -25.46
N ARG B 212 7.81 23.69 -25.24
CA ARG B 212 7.41 24.78 -24.35
C ARG B 212 7.75 26.06 -25.06
N ILE B 213 6.79 26.96 -25.09
CA ILE B 213 6.94 28.25 -25.74
C ILE B 213 7.06 29.31 -24.66
N PRO B 214 8.19 30.02 -24.63
CA PRO B 214 8.39 31.12 -23.66
C PRO B 214 7.28 32.16 -23.79
N GLN B 215 6.81 32.68 -22.65
CA GLN B 215 5.73 33.65 -22.59
C GLN B 215 6.16 34.79 -21.68
N GLU B 216 5.57 35.96 -21.84
CA GLU B 216 5.77 37.05 -20.89
C GLU B 216 4.49 37.34 -20.13
N GLU C 36 31.70 -17.46 15.95
CA GLU C 36 31.22 -18.63 16.68
C GLU C 36 29.69 -18.65 16.75
N SER C 37 29.13 -19.81 17.08
CA SER C 37 27.68 -19.95 17.16
C SER C 37 27.30 -20.33 18.58
N SER C 38 27.87 -19.61 19.53
CA SER C 38 27.66 -19.88 20.95
C SER C 38 28.19 -18.66 21.69
N ILE C 39 27.78 -18.51 22.94
CA ILE C 39 28.30 -17.42 23.75
C ILE C 39 28.86 -17.94 25.06
N GLN C 40 30.14 -17.68 25.29
CA GLN C 40 30.79 -18.02 26.54
C GLN C 40 31.09 -16.74 27.29
N VAL C 41 30.57 -16.59 28.51
CA VAL C 41 30.84 -15.38 29.27
C VAL C 41 32.26 -15.43 29.82
N LYS C 42 32.97 -14.31 29.76
CA LYS C 42 34.34 -14.27 30.23
C LYS C 42 34.39 -14.45 31.73
N ASN C 43 33.55 -13.69 32.45
CA ASN C 43 33.57 -13.71 33.91
C ASN C 43 32.20 -13.95 34.57
N LYS C 44 32.17 -13.88 35.90
CA LYS C 44 30.96 -14.14 36.67
C LYS C 44 29.97 -12.98 36.63
N GLY C 45 28.72 -13.26 37.00
CA GLY C 45 27.68 -12.25 37.02
C GLY C 45 26.32 -12.88 36.81
N SER C 46 25.32 -12.05 36.57
CA SER C 46 23.97 -12.57 36.36
C SER C 46 23.40 -12.26 34.97
N ILE C 47 22.52 -13.14 34.50
CA ILE C 47 21.94 -12.99 33.18
C ILE C 47 20.82 -11.97 33.18
N LYS C 48 20.88 -11.00 32.29
CA LYS C 48 19.76 -10.10 32.04
C LYS C 48 19.40 -10.15 30.56
N LEU C 49 18.14 -10.49 30.27
CA LEU C 49 17.68 -10.58 28.89
C LEU C 49 16.75 -9.42 28.55
N SER C 50 16.77 -9.02 27.28
CA SER C 50 15.87 -7.98 26.78
C SER C 50 15.32 -8.44 25.46
N ASN C 51 14.12 -7.97 25.10
CA ASN C 51 13.44 -8.40 23.88
C ASN C 51 13.28 -9.90 23.84
N VAL C 52 13.19 -10.56 25.00
CA VAL C 52 13.24 -11.99 24.96
C VAL C 52 11.84 -12.58 24.98
N LYS C 53 11.64 -13.61 24.16
CA LYS C 53 10.44 -14.43 24.25
C LYS C 53 11.00 -15.84 24.23
N SER C 54 10.68 -16.61 25.25
CA SER C 54 11.32 -17.89 25.35
C SER C 54 10.25 -18.94 25.65
N VAL C 55 10.60 -20.19 25.38
CA VAL C 55 9.67 -21.29 25.57
C VAL C 55 10.49 -22.55 25.82
N VAL C 56 9.97 -23.45 26.64
CA VAL C 56 10.75 -24.63 27.03
C VAL C 56 10.28 -25.87 26.31
N ASN C 57 11.18 -26.53 25.60
CA ASN C 57 10.78 -27.68 24.79
C ASN C 57 10.90 -29.03 25.53
N SER C 58 10.55 -30.11 24.84
CA SER C 58 10.52 -31.42 25.49
C SER C 58 11.91 -31.99 25.81
N SER C 59 12.96 -31.35 25.30
CA SER C 59 14.32 -31.75 25.61
C SER C 59 14.87 -31.02 26.81
N GLY C 60 14.03 -30.23 27.48
CA GLY C 60 14.47 -29.52 28.66
C GLY C 60 15.27 -28.27 28.33
N LYS C 61 15.14 -27.79 27.09
CA LYS C 61 15.91 -26.61 26.64
C LYS C 61 15.08 -25.33 26.64
N LEU C 62 15.71 -24.24 27.08
CA LEU C 62 15.09 -22.92 27.00
C LEU C 62 15.43 -22.36 25.61
N VAL C 63 14.40 -22.21 24.78
CA VAL C 63 14.58 -21.81 23.39
C VAL C 63 14.11 -20.36 23.21
N ILE C 64 14.91 -19.55 22.53
CA ILE C 64 14.52 -18.18 22.27
C ILE C 64 13.70 -18.11 21.00
N THR C 65 12.49 -17.56 21.09
CA THR C 65 11.64 -17.46 19.89
C THR C 65 11.39 -16.02 19.49
N SER C 66 12.18 -15.09 20.02
CA SER C 66 12.09 -13.67 19.66
C SER C 66 13.29 -13.31 18.83
N ARG C 67 13.23 -12.17 18.14
CA ARG C 67 14.38 -11.69 17.40
C ARG C 67 14.99 -10.53 18.18
N ASN C 68 16.22 -10.17 17.85
CA ASN C 68 16.93 -9.06 18.51
C ASN C 68 17.06 -9.22 20.02
N THR C 69 17.06 -10.46 20.51
CA THR C 69 17.26 -10.68 21.93
C THR C 69 18.63 -10.22 22.34
N GLU C 70 18.69 -9.46 23.43
CA GLU C 70 19.95 -9.03 24.00
C GLU C 70 20.20 -9.79 25.29
N LEU C 71 21.38 -10.40 25.39
CA LEU C 71 21.79 -11.03 26.64
C LEU C 71 22.95 -10.23 27.22
N LYS C 72 22.76 -9.70 28.42
CA LYS C 72 23.82 -8.99 29.10
C LYS C 72 24.26 -9.78 30.33
N LEU C 73 25.55 -9.70 30.65
CA LEU C 73 26.02 -10.20 31.93
C LEU C 73 26.16 -8.97 32.80
N ILE C 74 25.43 -8.95 33.91
CA ILE C 74 25.50 -7.84 34.86
C ILE C 74 25.96 -8.32 36.22
N ASP C 75 26.41 -7.40 37.06
CA ASP C 75 26.72 -7.76 38.43
C ASP C 75 25.60 -7.32 39.35
N GLU C 76 25.86 -7.39 40.65
CA GLU C 76 24.90 -7.05 41.68
C GLU C 76 24.41 -5.62 41.54
N PHE C 77 25.33 -4.71 41.23
CA PHE C 77 25.05 -3.29 41.05
C PHE C 77 24.30 -3.01 39.74
N GLY C 78 24.02 -4.05 38.98
CA GLY C 78 23.34 -3.88 37.72
C GLY C 78 24.24 -3.35 36.62
N ARG C 79 25.55 -3.32 36.87
CA ARG C 79 26.49 -2.85 35.86
C ARG C 79 26.65 -3.89 34.78
N THR C 80 26.53 -3.46 33.52
CA THR C 80 26.77 -4.36 32.40
C THR C 80 28.25 -4.71 32.30
N LYS C 81 28.55 -6.00 32.38
CA LYS C 81 29.95 -6.44 32.26
C LYS C 81 30.22 -6.91 30.83
N GLU C 82 29.22 -7.55 30.22
CA GLU C 82 29.32 -8.04 28.85
C GLU C 82 27.96 -7.90 28.18
N SER C 83 27.96 -7.68 26.87
CA SER C 83 26.71 -7.60 26.10
C SER C 83 26.78 -8.46 24.85
N TYR C 84 25.72 -9.20 24.58
CA TYR C 84 25.67 -10.02 23.38
C TYR C 84 24.28 -10.01 22.76
N LYS C 85 24.21 -10.23 21.45
CA LYS C 85 22.92 -10.42 20.80
C LYS C 85 22.76 -11.91 20.56
N VAL C 86 21.54 -12.40 20.71
CA VAL C 86 21.28 -13.81 20.56
C VAL C 86 20.22 -13.98 19.50
N PRO C 87 20.51 -14.77 18.47
CA PRO C 87 19.61 -15.05 17.34
C PRO C 87 18.42 -15.92 17.70
N TYR C 88 17.33 -15.74 16.94
CA TYR C 88 16.15 -16.59 17.00
C TYR C 88 16.54 -18.05 16.98
N GLY C 89 15.86 -18.87 17.77
CA GLY C 89 16.09 -20.31 17.75
C GLY C 89 17.24 -20.77 18.62
N ALA C 90 18.00 -19.81 19.14
CA ALA C 90 19.13 -20.15 20.02
C ALA C 90 18.68 -20.80 21.33
N VAL C 91 19.55 -21.61 21.91
CA VAL C 91 19.26 -22.23 23.20
C VAL C 91 19.96 -21.44 24.29
N LEU C 92 19.25 -21.16 25.36
CA LEU C 92 19.83 -20.50 26.52
C LEU C 92 20.18 -21.53 27.58
N ALA C 93 21.40 -21.43 28.11
CA ALA C 93 21.82 -22.32 29.20
C ALA C 93 21.10 -21.96 30.48
N LYS C 94 20.86 -20.67 30.69
CA LYS C 94 20.31 -20.18 31.94
C LYS C 94 19.29 -19.06 31.67
N GLY C 95 18.30 -18.92 32.54
CA GLY C 95 17.26 -17.93 32.33
C GLY C 95 17.59 -16.54 32.83
N ASP C 96 16.74 -15.57 32.46
CA ASP C 96 16.85 -14.21 32.95
C ASP C 96 16.99 -14.18 34.47
N GLY C 97 17.94 -13.41 34.98
CA GLY C 97 18.12 -13.26 36.42
C GLY C 97 19.05 -14.27 37.07
N GLU C 98 19.52 -15.25 36.31
CA GLU C 98 20.29 -16.34 36.88
C GLU C 98 21.79 -16.04 36.96
N GLN C 99 22.44 -16.65 37.94
CA GLN C 99 23.88 -16.51 38.09
C GLN C 99 24.62 -17.40 37.09
N VAL C 100 25.68 -16.85 36.48
CA VAL C 100 26.59 -17.65 35.65
C VAL C 100 28.02 -17.44 36.13
N ALA C 101 28.86 -18.46 35.99
CA ALA C 101 30.28 -18.32 36.32
C ALA C 101 31.13 -18.08 35.07
N GLY C 102 32.34 -17.58 35.26
CA GLY C 102 33.25 -17.35 34.14
C GLY C 102 33.65 -18.63 33.42
N GLY C 103 33.60 -18.59 32.10
CA GLY C 103 34.00 -19.72 31.27
C GLY C 103 32.81 -20.48 30.74
N GLU C 104 31.64 -20.14 31.25
CA GLU C 104 30.42 -20.88 30.93
C GLU C 104 29.77 -20.42 29.62
N THR C 105 29.39 -21.39 28.78
CA THR C 105 28.59 -21.07 27.60
C THR C 105 27.14 -20.91 28.01
N VAL C 106 26.54 -19.78 27.65
CA VAL C 106 25.20 -19.42 28.12
C VAL C 106 24.17 -19.38 26.99
N ALA C 107 24.65 -19.51 25.76
CA ALA C 107 23.77 -19.52 24.58
C ALA C 107 24.46 -20.32 23.48
N ASN C 108 23.68 -21.07 22.72
CA ASN C 108 24.23 -21.89 21.66
C ASN C 108 23.23 -21.99 20.52
N TRP C 109 23.74 -21.99 19.28
CA TRP C 109 22.87 -22.15 18.10
C TRP C 109 23.59 -22.75 16.89
N ASP C 110 22.83 -23.14 15.86
CA ASP C 110 23.42 -23.66 14.64
C ASP C 110 23.60 -22.54 13.63
N PRO C 111 24.84 -22.28 13.22
CA PRO C 111 25.18 -21.21 12.29
C PRO C 111 24.73 -21.51 10.85
N HIS C 112 24.50 -22.77 10.53
CA HIS C 112 24.22 -23.16 9.16
C HIS C 112 22.78 -23.57 8.90
N THR C 113 22.01 -23.79 9.96
CA THR C 113 20.61 -24.18 9.77
C THR C 113 19.67 -23.32 10.58
N PRO C 115 16.02 -23.29 12.53
CA PRO C 115 14.99 -24.19 13.05
C PRO C 115 13.60 -23.63 12.83
N VAL C 116 12.68 -24.48 12.39
CA VAL C 116 11.27 -24.12 12.38
C VAL C 116 10.69 -24.64 13.69
N ILE C 117 10.21 -23.72 14.51
CA ILE C 117 9.88 -24.02 15.90
C ILE C 117 8.38 -23.91 16.12
N THR C 118 7.75 -24.93 16.67
CA THR C 118 6.31 -24.80 16.95
C THR C 118 6.10 -23.85 18.12
N GLU C 119 5.05 -23.03 18.04
CA GLU C 119 4.70 -22.15 19.15
C GLU C 119 3.67 -22.81 20.08
N VAL C 120 3.18 -24.00 19.72
CA VAL C 120 2.17 -24.67 20.53
C VAL C 120 2.47 -26.15 20.70
N SER C 121 1.85 -26.75 21.71
CA SER C 121 1.95 -28.19 21.92
C SER C 121 0.78 -28.86 21.21
N GLY C 122 0.96 -30.14 20.90
CA GLY C 122 -0.06 -30.89 20.22
C GLY C 122 0.55 -32.06 19.48
N PHE C 123 -0.06 -32.41 18.36
CA PHE C 123 0.41 -33.51 17.55
C PHE C 123 0.66 -33.03 16.13
N VAL C 124 1.70 -33.55 15.50
CA VAL C 124 2.09 -33.11 14.17
C VAL C 124 1.28 -33.85 13.12
N ARG C 125 0.61 -33.11 12.24
CA ARG C 125 -0.10 -33.72 11.14
C ARG C 125 0.51 -33.25 9.82
N PHE C 126 1.03 -34.21 9.04
CA PHE C 126 1.66 -33.89 7.77
C PHE C 126 0.60 -33.39 6.82
N THR C 127 0.89 -32.28 6.14
CA THR C 127 -0.04 -31.74 5.17
C THR C 127 0.63 -31.48 3.83
N ASP C 128 0.04 -31.99 2.77
CA ASP C 128 0.56 -31.84 1.41
C ASP C 128 2.00 -32.31 1.30
N ILE C 130 3.87 -35.21 -0.08
CA ILE C 130 3.68 -36.32 -1.00
C ILE C 130 5.02 -36.72 -1.62
N ASP C 131 5.39 -37.98 -1.44
CA ASP C 131 6.65 -38.52 -1.98
C ASP C 131 6.81 -38.19 -3.45
N GLY C 132 7.95 -37.61 -3.80
CA GLY C 132 8.24 -37.23 -5.17
C GLY C 132 7.57 -35.93 -5.59
N GLN C 133 6.30 -35.76 -5.25
CA GLN C 133 5.57 -34.54 -5.60
C GLN C 133 6.05 -33.32 -4.83
N THR C 134 6.25 -33.46 -3.51
CA THR C 134 6.64 -32.34 -2.66
C THR C 134 7.80 -32.67 -1.72
N ILE C 135 7.97 -33.94 -1.41
CA ILE C 135 9.07 -34.37 -0.54
C ILE C 135 9.76 -35.62 -1.07
N THR C 136 11.01 -35.80 -0.67
CA THR C 136 11.73 -37.03 -0.95
C THR C 136 12.43 -37.50 0.32
N ARG C 137 12.55 -38.82 0.48
CA ARG C 137 13.27 -39.35 1.61
C ARG C 137 14.76 -39.30 1.29
N GLN C 138 15.57 -39.02 2.32
CA GLN C 138 17.01 -38.96 2.17
C GLN C 138 17.69 -39.74 3.30
N THR C 139 18.20 -40.93 2.97
CA THR C 139 18.96 -41.72 3.93
C THR C 139 20.38 -41.16 4.01
N ASP C 140 20.81 -40.81 5.21
CA ASP C 140 22.19 -40.37 5.42
C ASP C 140 23.12 -41.57 5.56
N THR C 143 25.28 -43.80 8.83
CA THR C 143 24.40 -43.64 9.99
C THR C 143 23.10 -44.39 9.78
N GLY C 144 22.59 -44.36 8.55
CA GLY C 144 21.46 -45.18 8.16
C GLY C 144 20.09 -44.62 8.50
N LEU C 145 20.04 -43.48 9.17
CA LEU C 145 18.75 -42.89 9.55
C LEU C 145 18.11 -42.12 8.40
N SER C 146 16.79 -42.04 8.42
CA SER C 146 16.06 -41.37 7.34
C SER C 146 15.53 -40.02 7.77
N SER C 147 15.25 -39.19 6.78
CA SER C 147 14.62 -37.90 6.98
C SER C 147 13.90 -37.54 5.69
N LEU C 148 12.90 -36.68 5.81
CA LEU C 148 12.23 -36.17 4.62
C LEU C 148 12.81 -34.80 4.31
N VAL C 149 13.13 -34.58 3.05
CA VAL C 149 13.57 -33.27 2.58
C VAL C 149 12.52 -32.69 1.65
N VAL C 150 12.14 -31.45 1.89
CA VAL C 150 11.15 -30.78 1.08
C VAL C 150 11.79 -30.39 -0.25
N LEU C 151 11.09 -30.64 -1.33
CA LEU C 151 11.63 -30.34 -2.65
C LEU C 151 11.51 -28.88 -3.01
N ASP C 152 12.59 -28.32 -3.50
CA ASP C 152 12.52 -26.99 -4.11
C ASP C 152 11.54 -27.02 -5.29
N SER C 153 10.71 -26.00 -5.47
CA SER C 153 9.70 -26.02 -6.53
C SER C 153 10.42 -26.27 -7.84
N ALA C 154 11.53 -25.58 -8.00
CA ALA C 154 12.49 -25.80 -9.05
C ALA C 154 13.00 -27.21 -9.10
N GLU C 155 12.23 -28.17 -8.62
CA GLU C 155 12.65 -29.54 -8.71
C GLU C 155 11.53 -30.47 -8.36
N ARG C 156 10.33 -29.91 -8.30
CA ARG C 156 9.17 -30.65 -7.95
C ARG C 156 8.62 -30.99 -9.31
N THR C 157 7.32 -31.14 -9.37
CA THR C 157 6.62 -31.14 -10.61
C THR C 157 5.49 -30.10 -10.57
N GLY C 160 2.57 -29.66 -8.99
CA GLY C 160 2.98 -29.92 -7.61
C GLY C 160 3.84 -28.80 -7.05
N LYS C 161 4.03 -27.76 -7.85
CA LYS C 161 4.92 -26.66 -7.50
C LYS C 161 4.22 -25.54 -6.73
N ASP C 162 2.89 -25.58 -6.70
CA ASP C 162 2.10 -24.58 -6.01
C ASP C 162 1.38 -25.18 -4.79
N LEU C 163 1.74 -26.41 -4.46
CA LEU C 163 1.31 -27.02 -3.20
C LEU C 163 2.28 -26.62 -2.10
N ARG C 164 1.78 -26.45 -0.88
CA ARG C 164 2.60 -25.94 0.20
C ARG C 164 2.65 -26.90 1.38
N PRO C 165 3.57 -27.87 1.33
CA PRO C 165 3.69 -28.85 2.42
C PRO C 165 3.87 -28.15 3.77
N ALA C 166 3.18 -28.66 4.78
CA ALA C 166 3.22 -28.02 6.08
C ALA C 166 3.06 -29.04 7.19
N LEU C 167 3.48 -28.66 8.38
CA LEU C 167 3.28 -29.47 9.56
C LEU C 167 2.18 -28.78 10.35
N LYS C 168 0.99 -29.36 10.29
CA LYS C 168 -0.15 -28.83 11.00
C LYS C 168 -0.15 -29.39 12.42
N ILE C 169 -0.38 -28.53 13.41
CA ILE C 169 -0.52 -29.01 14.79
C ILE C 169 -1.99 -29.18 15.17
N VAL C 170 -2.36 -30.37 15.62
CA VAL C 170 -3.71 -30.64 16.12
C VAL C 170 -3.71 -31.17 17.55
N ASP C 171 -4.85 -31.07 18.24
CA ASP C 171 -4.97 -31.65 19.58
C ASP C 171 -5.26 -33.14 19.51
N ALA C 172 -5.61 -33.73 20.64
CA ALA C 172 -5.98 -35.16 20.68
C ALA C 172 -7.26 -35.45 19.91
N GLN C 173 -8.15 -34.47 19.80
CA GLN C 173 -9.42 -34.67 19.11
C GLN C 173 -9.30 -34.41 17.60
N GLY C 174 -8.08 -34.12 17.15
CA GLY C 174 -7.83 -33.86 15.75
C GLY C 174 -8.13 -32.43 15.33
N ASN C 175 -8.60 -31.63 16.28
CA ASN C 175 -8.92 -30.23 16.00
C ASN C 175 -7.65 -29.42 15.84
N ASP C 176 -7.69 -28.41 14.98
CA ASP C 176 -6.53 -27.53 14.81
C ASP C 176 -6.25 -26.75 16.11
N VAL C 177 -4.97 -26.66 16.47
CA VAL C 177 -4.55 -25.87 17.63
C VAL C 177 -4.28 -24.42 17.21
N LEU C 178 -4.80 -23.47 17.99
CA LEU C 178 -4.64 -22.06 17.69
C LEU C 178 -3.39 -21.45 18.30
N ILE C 179 -2.71 -20.63 17.52
CA ILE C 179 -1.62 -19.81 18.04
C ILE C 179 -2.22 -18.90 19.11
N PRO C 180 -1.75 -19.04 20.36
CA PRO C 180 -2.31 -18.30 21.48
C PRO C 180 -2.13 -16.80 21.29
N GLY C 181 -3.13 -16.02 21.69
CA GLY C 181 -3.12 -14.59 21.46
C GLY C 181 -3.77 -14.26 20.13
N THR C 182 -3.78 -15.22 19.21
CA THR C 182 -4.41 -15.01 17.91
C THR C 182 -5.43 -16.10 17.56
N ASP C 183 -5.90 -16.04 16.32
CA ASP C 183 -6.97 -16.91 15.85
C ASP C 183 -6.43 -17.84 14.77
N PRO C 185 -4.73 -20.93 13.16
CA PRO C 185 -4.40 -22.32 13.50
C PRO C 185 -2.90 -22.50 13.38
N ALA C 186 -2.33 -23.37 14.20
CA ALA C 186 -0.90 -23.64 14.11
C ALA C 186 -0.59 -24.58 12.97
N GLN C 187 -0.12 -24.01 11.87
CA GLN C 187 0.32 -24.78 10.72
C GLN C 187 1.67 -24.21 10.28
N TYR C 188 2.67 -25.08 10.20
CA TYR C 188 4.02 -24.61 9.95
C TYR C 188 4.47 -25.06 8.57
N PHE C 189 4.44 -24.13 7.64
CA PHE C 189 4.80 -24.40 6.26
C PHE C 189 6.30 -24.59 6.16
N LEU C 190 6.73 -25.42 5.22
CA LEU C 190 8.15 -25.70 5.07
C LEU C 190 8.63 -25.25 3.71
N PRO C 191 9.74 -24.53 3.68
CA PRO C 191 10.30 -24.04 2.42
C PRO C 191 11.09 -25.16 1.77
N GLY C 192 11.41 -25.00 0.48
CA GLY C 192 12.27 -25.97 -0.20
C GLY C 192 13.52 -26.23 0.62
N LYS C 193 13.97 -27.48 0.55
CA LYS C 193 15.22 -27.92 1.18
C LYS C 193 15.10 -28.16 2.70
N ALA C 194 13.96 -27.79 3.28
CA ALA C 194 13.74 -28.03 4.71
C ALA C 194 13.81 -29.52 5.04
N ILE C 195 14.41 -29.82 6.18
CA ILE C 195 14.61 -31.20 6.57
C ILE C 195 13.75 -31.55 7.78
N VAL C 196 12.92 -32.58 7.62
CA VAL C 196 12.02 -33.02 8.66
C VAL C 196 12.48 -34.37 9.19
N GLN C 197 12.72 -34.45 10.48
CA GLN C 197 13.11 -35.74 11.06
C GLN C 197 12.01 -36.35 11.89
N LEU C 198 11.02 -35.53 12.25
CA LEU C 198 9.85 -36.01 12.99
C LEU C 198 9.04 -36.98 12.15
N GLU C 199 8.27 -37.83 12.82
CA GLU C 199 7.35 -38.71 12.13
C GLU C 199 5.95 -38.13 12.22
N ASP C 200 5.12 -38.40 11.23
CA ASP C 200 3.74 -37.94 11.22
C ASP C 200 3.01 -38.47 12.46
N GLY C 201 2.21 -37.63 13.09
CA GLY C 201 1.43 -38.05 14.24
C GLY C 201 2.11 -37.81 15.58
N VAL C 202 3.40 -37.48 15.56
CA VAL C 202 4.15 -37.39 16.80
C VAL C 202 3.68 -36.24 17.70
N GLN C 203 3.72 -36.46 19.01
CA GLN C 203 3.35 -35.44 19.96
C GLN C 203 4.55 -34.53 20.19
N ILE C 204 4.31 -33.24 20.31
CA ILE C 204 5.37 -32.29 20.59
C ILE C 204 4.96 -31.21 21.59
N SER C 205 5.94 -30.46 22.06
CA SER C 205 5.72 -29.38 23.01
C SER C 205 6.14 -28.11 22.34
N SER C 206 5.55 -27.00 22.76
CA SER C 206 5.95 -25.69 22.27
C SER C 206 7.46 -25.54 22.39
N GLY C 207 8.10 -24.96 21.38
CA GLY C 207 9.55 -24.80 21.40
C GLY C 207 10.29 -25.96 20.75
N ASP C 208 9.59 -27.05 20.44
CA ASP C 208 10.20 -28.17 19.72
C ASP C 208 10.56 -27.79 18.28
N THR C 209 11.69 -28.30 17.79
CA THR C 209 12.08 -28.02 16.40
C THR C 209 11.36 -28.99 15.44
N LEU C 210 10.50 -28.46 14.59
CA LEU C 210 9.76 -29.27 13.62
C LEU C 210 10.62 -29.61 12.40
N ALA C 211 11.41 -28.64 11.95
CA ALA C 211 12.25 -28.84 10.77
C ALA C 211 13.45 -27.93 10.84
N ARG C 212 14.48 -28.26 10.06
CA ARG C 212 15.67 -27.42 9.99
C ARG C 212 15.89 -27.04 8.53
N ILE C 213 16.13 -25.75 8.30
CA ILE C 213 16.33 -25.22 6.97
C ILE C 213 17.81 -24.91 6.75
N PRO C 214 18.45 -25.68 5.86
CA PRO C 214 19.89 -25.53 5.59
C PRO C 214 20.17 -24.31 4.72
N GLN C 215 21.43 -23.88 4.65
CA GLN C 215 21.81 -22.77 3.79
C GLN C 215 21.92 -23.26 2.35
N SER D 37 -7.70 -6.18 10.24
CA SER D 37 -6.37 -6.49 9.72
C SER D 37 -6.21 -8.00 9.70
N SER D 38 -7.33 -8.68 9.55
CA SER D 38 -7.36 -10.14 9.46
C SER D 38 -8.62 -10.58 8.74
N ILE D 39 -8.59 -11.78 8.18
CA ILE D 39 -9.78 -12.34 7.56
C ILE D 39 -10.27 -13.53 8.39
N GLN D 40 -11.44 -13.40 9.01
CA GLN D 40 -11.98 -14.46 9.87
C GLN D 40 -13.15 -15.15 9.19
N VAL D 41 -13.06 -16.48 9.10
CA VAL D 41 -14.07 -17.29 8.39
C VAL D 41 -15.51 -16.99 8.80
N LYS D 42 -16.33 -16.68 7.81
CA LYS D 42 -17.73 -16.30 8.04
C LYS D 42 -18.50 -16.27 6.73
N LYS D 48 -11.46 -22.10 0.61
CA LYS D 48 -10.46 -21.08 0.31
C LYS D 48 -9.84 -21.30 -1.07
N LEU D 49 -10.13 -20.39 -2.00
CA LEU D 49 -9.44 -20.34 -3.28
C LEU D 49 -8.65 -19.04 -3.33
N SER D 50 -7.64 -18.95 -4.19
CA SER D 50 -6.77 -17.78 -4.24
C SER D 50 -6.35 -17.36 -5.66
N ASN D 51 -5.40 -16.42 -5.74
CA ASN D 51 -4.88 -15.89 -7.01
C ASN D 51 -3.56 -15.14 -6.76
N VAL D 52 -2.52 -15.90 -6.40
CA VAL D 52 -1.47 -15.40 -5.52
C VAL D 52 -0.04 -15.78 -5.93
N LYS D 53 0.93 -14.97 -5.50
CA LYS D 53 2.31 -15.44 -5.38
C LYS D 53 2.63 -15.49 -3.88
N SER D 54 3.15 -16.62 -3.42
CA SER D 54 3.47 -16.77 -2.01
C SER D 54 4.87 -17.35 -1.82
N VAL D 55 5.41 -17.18 -0.62
CA VAL D 55 6.72 -17.75 -0.30
C VAL D 55 6.64 -18.25 1.14
N VAL D 56 7.43 -19.27 1.46
CA VAL D 56 7.44 -19.77 2.83
C VAL D 56 8.71 -19.30 3.52
N ASN D 57 8.54 -18.61 4.64
CA ASN D 57 9.68 -18.03 5.35
C ASN D 57 10.29 -18.98 6.38
N SER D 58 11.26 -18.51 7.14
CA SER D 58 11.98 -19.39 8.04
C SER D 58 11.19 -19.66 9.33
N SER D 59 10.03 -19.02 9.47
CA SER D 59 9.19 -19.20 10.66
C SER D 59 8.03 -20.15 10.40
N GLY D 60 7.98 -20.70 9.20
CA GLY D 60 6.88 -21.57 8.83
C GLY D 60 5.64 -20.83 8.38
N LYS D 61 5.81 -19.55 8.05
CA LYS D 61 4.70 -18.72 7.60
C LYS D 61 4.57 -18.70 6.09
N LEU D 62 3.32 -18.81 5.62
CA LEU D 62 3.01 -18.66 4.21
C LEU D 62 2.75 -17.21 3.91
N VAL D 63 3.72 -16.55 3.26
CA VAL D 63 3.70 -15.09 3.08
C VAL D 63 3.25 -14.71 1.66
N ILE D 64 2.27 -13.82 1.57
CA ILE D 64 1.81 -13.29 0.28
C ILE D 64 2.82 -12.29 -0.27
N THR D 65 3.37 -12.56 -1.46
CA THR D 65 4.30 -11.61 -2.07
C THR D 65 3.72 -10.91 -3.29
N SER D 66 2.50 -11.25 -3.65
CA SER D 66 1.85 -10.58 -4.76
C SER D 66 0.95 -9.47 -4.25
N ARG D 67 0.53 -8.61 -5.17
CA ARG D 67 -0.41 -7.58 -4.84
C ARG D 67 -1.74 -7.91 -5.50
N ASN D 68 -2.82 -7.43 -4.91
CA ASN D 68 -4.17 -7.67 -5.42
C ASN D 68 -4.58 -9.11 -5.32
N THR D 69 -4.13 -9.79 -4.27
CA THR D 69 -4.54 -11.16 -4.03
C THR D 69 -6.01 -11.19 -3.60
N GLU D 70 -6.75 -12.18 -4.08
CA GLU D 70 -8.15 -12.36 -3.70
C GLU D 70 -8.33 -13.70 -3.00
N LEU D 71 -8.93 -13.66 -1.80
CA LEU D 71 -9.26 -14.87 -1.05
C LEU D 71 -10.77 -14.93 -0.81
N LYS D 72 -11.39 -16.03 -1.23
CA LYS D 72 -12.82 -16.22 -1.00
C LYS D 72 -13.09 -17.36 -0.03
N SER D 83 -15.83 -12.98 -0.46
CA SER D 83 -14.48 -12.75 -1.00
C SER D 83 -13.81 -11.56 -0.32
N TYR D 84 -12.49 -11.62 -0.22
CA TYR D 84 -11.70 -10.58 0.42
C TYR D 84 -10.41 -10.35 -0.36
N LYS D 85 -9.95 -9.10 -0.44
CA LYS D 85 -8.60 -8.84 -0.93
C LYS D 85 -7.62 -8.96 0.23
N VAL D 86 -6.48 -9.62 -0.02
CA VAL D 86 -5.44 -9.74 0.97
C VAL D 86 -4.26 -8.92 0.51
N PRO D 87 -3.69 -8.08 1.39
CA PRO D 87 -2.57 -7.21 1.01
C PRO D 87 -1.24 -7.96 0.94
N TYR D 88 -0.32 -7.39 0.17
CA TYR D 88 1.07 -7.84 0.11
C TYR D 88 1.62 -7.97 1.51
N GLY D 89 2.32 -9.07 1.76
CA GLY D 89 2.96 -9.24 3.04
C GLY D 89 2.11 -9.94 4.08
N ALA D 90 0.81 -10.09 3.79
CA ALA D 90 -0.06 -10.79 4.73
C ALA D 90 0.35 -12.24 4.87
N VAL D 91 0.10 -12.80 6.04
CA VAL D 91 0.41 -14.20 6.29
C VAL D 91 -0.84 -15.01 6.08
N LEU D 92 -0.74 -16.13 5.35
CA LEU D 92 -1.87 -17.05 5.20
C LEU D 92 -1.78 -18.18 6.21
N ALA D 93 -2.87 -18.43 6.93
CA ALA D 93 -2.90 -19.52 7.91
C ALA D 93 -2.93 -20.87 7.21
N LYS D 94 -3.74 -20.95 6.18
CA LYS D 94 -3.93 -22.17 5.42
C LYS D 94 -3.77 -21.92 3.96
N GLY D 95 -3.23 -22.86 3.22
CA GLY D 95 -2.99 -22.66 1.82
C GLY D 95 -4.22 -22.65 0.95
N ASP D 96 -4.06 -22.69 -0.34
CA ASP D 96 -5.18 -22.73 -1.27
C ASP D 96 -5.97 -24.06 -1.19
N GLY D 97 -7.28 -24.01 -1.35
CA GLY D 97 -8.10 -25.19 -1.20
C GLY D 97 -8.22 -25.16 0.29
N GLU D 98 -8.11 -26.27 0.97
CA GLU D 98 -8.23 -26.28 2.42
C GLU D 98 -9.58 -25.76 2.90
N GLY D 103 -14.64 -17.95 11.82
CA GLY D 103 -14.00 -18.64 12.92
C GLY D 103 -12.70 -19.18 12.42
N GLU D 104 -11.66 -18.98 13.22
CA GLU D 104 -10.32 -19.14 12.75
C GLU D 104 -9.98 -18.01 11.77
N THR D 105 -9.02 -17.20 12.16
CA THR D 105 -8.45 -16.25 11.25
C THR D 105 -7.73 -17.02 10.16
N VAL D 106 -8.18 -16.88 8.91
CA VAL D 106 -7.46 -17.45 7.79
C VAL D 106 -6.38 -16.56 7.13
N ALA D 107 -6.21 -15.34 7.61
CA ALA D 107 -5.19 -14.44 7.06
C ALA D 107 -4.99 -13.24 7.93
N ASN D 108 -3.77 -12.78 8.03
CA ASN D 108 -3.44 -11.77 9.02
C ASN D 108 -2.32 -10.85 8.54
N TRP D 109 -2.42 -9.58 8.89
CA TRP D 109 -1.38 -8.63 8.54
C TRP D 109 -1.35 -7.49 9.56
N ASP D 110 -0.28 -6.68 9.52
CA ASP D 110 -0.19 -5.50 10.39
C ASP D 110 -0.72 -4.28 9.69
N PRO D 111 -1.78 -3.66 10.27
CA PRO D 111 -2.46 -2.51 9.67
C PRO D 111 -1.66 -1.22 9.78
N HIS D 112 -0.60 -1.21 10.57
CA HIS D 112 0.07 0.05 10.87
C HIS D 112 1.51 0.05 10.39
N THR D 113 1.92 -1.04 9.78
CA THR D 113 3.32 -1.20 9.47
C THR D 113 3.48 -1.99 8.15
N PRO D 115 5.95 -4.55 5.91
CA PRO D 115 7.11 -5.44 6.01
C PRO D 115 8.05 -5.26 4.82
N VAL D 116 9.35 -5.17 5.09
CA VAL D 116 10.32 -5.18 3.99
C VAL D 116 10.76 -6.64 3.92
N ILE D 117 10.43 -7.30 2.82
CA ILE D 117 10.58 -8.76 2.76
C ILE D 117 11.74 -9.14 1.84
N THR D 118 12.63 -10.00 2.33
CA THR D 118 13.72 -10.48 1.48
C THR D 118 13.17 -11.46 0.44
N GLU D 119 13.69 -11.39 -0.78
CA GLU D 119 13.29 -12.27 -1.85
C GLU D 119 14.27 -13.44 -1.95
N VAL D 120 15.30 -13.41 -1.12
CA VAL D 120 16.35 -14.42 -1.20
C VAL D 120 16.74 -14.92 0.17
N SER D 121 17.39 -16.07 0.18
CA SER D 121 17.90 -16.65 1.41
C SER D 121 19.38 -16.34 1.50
N GLY D 122 19.92 -16.44 2.72
CA GLY D 122 21.33 -16.18 2.94
C GLY D 122 21.54 -15.58 4.31
N PHE D 123 22.53 -14.70 4.44
CA PHE D 123 22.86 -14.12 5.74
C PHE D 123 22.77 -12.61 5.67
N VAL D 124 22.19 -12.00 6.71
CA VAL D 124 22.05 -10.56 6.76
C VAL D 124 23.39 -9.89 7.05
N ARG D 125 23.70 -8.84 6.28
CA ARG D 125 24.88 -8.02 6.56
C ARG D 125 24.46 -6.55 6.67
N PHE D 126 24.68 -5.95 7.84
CA PHE D 126 24.37 -4.54 8.06
C PHE D 126 25.41 -3.73 7.28
N THR D 127 24.99 -2.71 6.56
CA THR D 127 25.95 -1.83 5.89
C THR D 127 25.51 -0.39 6.07
N ASP D 128 26.48 0.52 6.28
CA ASP D 128 26.17 1.94 6.49
C ASP D 128 25.16 2.13 7.61
N ILE D 130 25.21 3.05 11.23
CA ILE D 130 26.17 3.59 12.17
C ILE D 130 25.40 4.32 13.24
N ASP D 131 25.49 3.81 14.46
CA ASP D 131 24.75 4.37 15.59
C ASP D 131 25.06 5.86 15.74
N GLY D 132 24.01 6.66 15.88
CA GLY D 132 24.14 8.10 16.03
C GLY D 132 24.10 8.86 14.70
N GLN D 133 24.15 8.11 13.61
CA GLN D 133 24.25 8.74 12.30
C GLN D 133 23.14 8.28 11.36
N THR D 134 23.04 6.97 11.14
CA THR D 134 21.99 6.46 10.26
C THR D 134 21.01 5.56 11.00
N ILE D 135 21.38 5.14 12.21
CA ILE D 135 20.51 4.32 13.05
C ILE D 135 20.58 4.79 14.48
N THR D 136 19.57 4.41 15.26
CA THR D 136 19.56 4.67 16.68
C THR D 136 18.83 3.54 17.38
N ARG D 137 19.13 3.35 18.65
CA ARG D 137 18.45 2.34 19.45
C ARG D 137 17.35 2.99 20.26
N GLN D 138 16.09 2.68 19.94
CA GLN D 138 14.97 3.17 20.73
C GLN D 138 14.55 2.09 21.71
N THR D 139 14.23 2.47 22.95
CA THR D 139 13.87 1.51 23.98
C THR D 139 12.57 1.89 24.69
N LEU D 145 11.46 -3.10 25.89
CA LEU D 145 11.60 -3.58 24.52
C LEU D 145 12.37 -2.60 23.64
N SER D 146 13.44 -3.08 23.01
CA SER D 146 14.35 -2.21 22.26
C SER D 146 14.38 -2.59 20.79
N SER D 147 14.75 -1.62 19.95
CA SER D 147 14.78 -1.81 18.50
C SER D 147 15.76 -0.85 17.86
N LEU D 148 16.34 -1.26 16.73
CA LEU D 148 17.14 -0.38 15.90
C LEU D 148 16.25 0.29 14.88
N VAL D 149 16.30 1.61 14.85
CA VAL D 149 15.45 2.43 14.02
C VAL D 149 16.35 3.27 13.12
N VAL D 150 16.03 3.34 11.83
CA VAL D 150 16.79 4.14 10.88
C VAL D 150 16.47 5.61 11.09
N LEU D 151 17.49 6.46 11.15
CA LEU D 151 17.31 7.90 11.35
C LEU D 151 16.58 8.58 10.20
N ASP D 152 15.61 9.44 10.54
CA ASP D 152 14.77 10.08 9.52
C ASP D 152 15.55 10.98 8.54
N ASP D 162 25.66 11.11 3.27
CA ASP D 162 26.15 10.27 2.19
C ASP D 162 26.13 8.78 2.58
N LEU D 163 25.59 8.47 3.74
CA LEU D 163 25.44 7.08 4.15
C LEU D 163 24.03 6.60 3.78
N ARG D 164 23.91 5.36 3.31
CA ARG D 164 22.60 4.80 2.99
C ARG D 164 22.45 3.45 3.64
N PRO D 165 21.75 3.42 4.79
CA PRO D 165 21.55 2.19 5.57
C PRO D 165 20.87 1.10 4.77
N ALA D 166 21.40 -0.12 4.89
CA ALA D 166 20.91 -1.22 4.08
C ALA D 166 21.22 -2.57 4.74
N LEU D 167 20.35 -3.53 4.50
CA LEU D 167 20.63 -4.92 4.86
C LEU D 167 20.99 -5.65 3.59
N LYS D 168 22.27 -5.95 3.43
CA LYS D 168 22.73 -6.71 2.28
C LYS D 168 22.65 -8.21 2.60
N ILE D 169 22.22 -9.02 1.62
CA ILE D 169 22.14 -10.47 1.83
C ILE D 169 23.34 -11.15 1.18
N VAL D 170 24.06 -11.96 1.95
CA VAL D 170 25.24 -12.63 1.41
C VAL D 170 25.09 -14.13 1.62
N ASP D 171 25.92 -14.91 0.94
CA ASP D 171 25.93 -16.35 1.15
C ASP D 171 26.90 -16.71 2.26
N ALA D 172 27.03 -18.00 2.53
CA ALA D 172 27.86 -18.49 3.62
C ALA D 172 29.33 -18.13 3.44
N GLN D 173 29.72 -17.91 2.19
CA GLN D 173 31.10 -17.54 1.86
C GLN D 173 31.26 -16.02 1.89
N GLY D 174 30.17 -15.31 2.17
CA GLY D 174 30.22 -13.86 2.31
C GLY D 174 30.10 -13.12 0.99
N ASN D 175 29.69 -13.82 -0.06
CA ASN D 175 29.51 -13.22 -1.38
C ASN D 175 28.09 -12.73 -1.64
N ASP D 176 27.94 -11.72 -2.49
CA ASP D 176 26.63 -11.10 -2.71
C ASP D 176 25.59 -12.06 -3.27
N VAL D 177 24.39 -12.03 -2.70
CA VAL D 177 23.29 -12.78 -3.25
C VAL D 177 22.57 -11.88 -4.26
N LEU D 178 22.18 -12.45 -5.39
CA LEU D 178 21.53 -11.67 -6.44
C LEU D 178 20.01 -11.76 -6.31
N ILE D 179 19.33 -10.67 -6.66
CA ILE D 179 17.88 -10.69 -6.80
C ILE D 179 17.53 -11.58 -7.98
N PRO D 180 16.62 -12.54 -7.77
CA PRO D 180 16.18 -13.48 -8.81
C PRO D 180 15.79 -12.77 -10.11
N GLY D 181 16.29 -13.28 -11.23
CA GLY D 181 15.99 -12.70 -12.53
C GLY D 181 16.78 -11.45 -12.88
N THR D 182 17.68 -11.05 -11.98
CA THR D 182 18.52 -9.87 -12.22
C THR D 182 19.98 -10.12 -11.87
N ASP D 183 20.84 -9.20 -12.28
CA ASP D 183 22.21 -9.17 -11.76
C ASP D 183 22.40 -8.08 -10.70
N PRO D 185 22.43 -6.88 -6.79
CA PRO D 185 22.57 -7.48 -5.45
C PRO D 185 21.30 -7.39 -4.64
N ALA D 186 21.07 -8.42 -3.82
CA ALA D 186 20.00 -8.41 -2.85
C ALA D 186 20.40 -7.51 -1.70
N GLN D 187 20.19 -6.22 -1.89
CA GLN D 187 20.54 -5.23 -0.90
C GLN D 187 19.27 -4.43 -0.66
N TYR D 188 18.78 -4.47 0.57
CA TYR D 188 17.53 -3.82 0.93
C TYR D 188 17.81 -2.54 1.68
N PHE D 189 17.79 -1.43 0.96
CA PHE D 189 17.95 -0.14 1.61
C PHE D 189 16.81 0.09 2.59
N LEU D 190 17.06 0.84 3.65
CA LEU D 190 16.02 1.11 4.63
C LEU D 190 15.67 2.56 4.66
N PRO D 191 14.38 2.88 4.55
CA PRO D 191 13.95 4.28 4.57
C PRO D 191 13.97 4.79 6.00
N GLY D 192 13.94 6.11 6.17
CA GLY D 192 13.85 6.70 7.49
C GLY D 192 12.71 6.12 8.29
N LYS D 193 12.95 5.94 9.58
CA LYS D 193 11.97 5.37 10.54
C LYS D 193 11.74 3.86 10.45
N ALA D 194 12.37 3.17 9.49
CA ALA D 194 12.24 1.71 9.43
C ALA D 194 12.77 1.10 10.72
N ILE D 195 12.11 0.04 11.15
CA ILE D 195 12.47 -0.65 12.40
C ILE D 195 13.07 -1.99 12.00
N VAL D 196 14.36 -2.17 12.29
CA VAL D 196 15.08 -3.36 11.84
C VAL D 196 14.61 -4.57 12.63
N GLN D 197 14.30 -5.68 11.96
CA GLN D 197 13.62 -6.79 12.62
C GLN D 197 14.54 -7.90 13.13
N LEU D 198 15.83 -7.82 12.83
CA LEU D 198 16.74 -8.91 13.20
C LEU D 198 18.19 -8.46 13.38
N GLU D 199 19.05 -9.39 13.77
CA GLU D 199 20.42 -9.05 14.11
C GLU D 199 21.36 -9.18 12.93
N ASP D 200 22.50 -8.50 13.03
CA ASP D 200 23.50 -8.52 11.98
C ASP D 200 24.10 -9.93 11.89
N GLY D 201 24.27 -10.45 10.67
CA GLY D 201 24.95 -11.72 10.50
C GLY D 201 24.03 -12.93 10.52
N VAL D 202 22.78 -12.73 10.90
CA VAL D 202 21.87 -13.87 11.10
C VAL D 202 21.45 -14.54 9.76
N GLN D 203 21.22 -15.85 9.79
CA GLN D 203 20.76 -16.56 8.59
C GLN D 203 19.30 -16.22 8.30
N ILE D 204 18.96 -15.97 7.03
CA ILE D 204 17.57 -15.73 6.63
C ILE D 204 17.10 -16.63 5.48
N SER D 205 15.78 -16.78 5.36
CA SER D 205 15.18 -17.42 4.19
C SER D 205 14.37 -16.40 3.43
N SER D 206 14.14 -16.66 2.15
CA SER D 206 13.27 -15.82 1.34
C SER D 206 11.91 -15.75 2.04
N GLY D 207 11.33 -14.55 2.06
CA GLY D 207 10.05 -14.38 2.71
C GLY D 207 10.15 -13.89 4.14
N ASP D 208 11.38 -13.85 4.68
CA ASP D 208 11.60 -13.37 6.05
C ASP D 208 11.46 -11.86 6.09
N THR D 209 10.88 -11.34 7.16
CA THR D 209 10.76 -9.89 7.26
C THR D 209 12.06 -9.27 7.76
N LEU D 210 12.63 -8.37 6.95
CA LEU D 210 13.89 -7.72 7.32
C LEU D 210 13.68 -6.53 8.23
N ALA D 211 12.61 -5.79 7.97
CA ALA D 211 12.35 -4.50 8.63
C ALA D 211 10.88 -4.18 8.48
N ARG D 212 10.36 -3.34 9.37
CA ARG D 212 8.98 -2.90 9.21
C ARG D 212 8.98 -1.38 9.08
N ILE D 213 8.19 -0.88 8.16
CA ILE D 213 8.07 0.57 7.97
C ILE D 213 6.79 1.06 8.60
N PRO D 214 6.92 1.88 9.67
CA PRO D 214 5.70 2.35 10.34
C PRO D 214 5.02 3.44 9.54
N GLN D 215 3.75 3.67 9.85
CA GLN D 215 2.99 4.74 9.22
C GLN D 215 3.39 6.09 9.79
N SER E 37 -27.96 -9.84 18.18
CA SER E 37 -28.47 -8.70 17.41
C SER E 37 -29.94 -8.84 17.05
N SER E 38 -30.63 -9.78 17.69
CA SER E 38 -32.03 -10.02 17.42
C SER E 38 -32.73 -10.47 18.70
N ILE E 39 -34.05 -10.32 18.75
CA ILE E 39 -34.84 -10.94 19.82
C ILE E 39 -35.81 -11.97 19.25
N GLN E 40 -35.59 -13.23 19.59
CA GLN E 40 -36.50 -14.31 19.20
C GLN E 40 -37.21 -14.83 20.45
N VAL E 41 -38.54 -14.80 20.45
CA VAL E 41 -39.27 -15.29 21.61
C VAL E 41 -39.37 -16.82 21.58
N LYS E 42 -39.34 -17.43 22.76
CA LYS E 42 -39.37 -18.88 22.88
C LYS E 42 -40.75 -19.38 23.29
N ASN E 43 -41.66 -18.45 23.56
CA ASN E 43 -43.01 -18.81 24.01
C ASN E 43 -44.09 -17.89 23.45
N LYS E 44 -45.29 -18.44 23.25
CA LYS E 44 -46.45 -17.65 22.88
C LYS E 44 -46.76 -16.62 23.96
N GLY E 45 -47.48 -15.57 23.58
CA GLY E 45 -47.85 -14.53 24.52
C GLY E 45 -48.00 -13.19 23.83
N SER E 46 -48.18 -12.13 24.61
CA SER E 46 -48.28 -10.81 24.04
C SER E 46 -47.04 -9.99 24.35
N ILE E 47 -46.72 -9.06 23.47
CA ILE E 47 -45.55 -8.21 23.68
C ILE E 47 -45.93 -7.06 24.59
N LYS E 48 -45.08 -6.77 25.56
CA LYS E 48 -45.28 -5.59 26.40
C LYS E 48 -44.02 -4.76 26.34
N LEU E 49 -44.12 -3.60 25.69
CA LEU E 49 -43.01 -2.68 25.56
C LEU E 49 -43.10 -1.63 26.66
N SER E 50 -41.97 -1.25 27.23
CA SER E 50 -41.93 -0.17 28.20
C SER E 50 -41.00 0.93 27.68
N ASN E 51 -41.37 2.17 27.98
CA ASN E 51 -40.57 3.34 27.60
C ASN E 51 -40.15 3.32 26.14
N VAL E 52 -41.12 3.06 25.26
CA VAL E 52 -40.86 2.94 23.84
C VAL E 52 -41.39 4.15 23.08
N LYS E 53 -40.56 4.68 22.18
CA LYS E 53 -41.00 5.66 21.22
C LYS E 53 -40.64 5.06 19.87
N SER E 54 -41.55 5.14 18.92
CA SER E 54 -41.34 4.50 17.64
C SER E 54 -41.73 5.43 16.52
N VAL E 55 -41.24 5.12 15.32
CA VAL E 55 -41.62 5.84 14.11
C VAL E 55 -41.55 4.86 12.95
N VAL E 56 -42.35 5.10 11.92
CA VAL E 56 -42.43 4.17 10.79
C VAL E 56 -41.68 4.74 9.60
N ASN E 57 -40.77 3.94 9.03
CA ASN E 57 -40.02 4.42 7.88
C ASN E 57 -40.61 4.03 6.53
N SER E 58 -39.95 4.45 5.46
CA SER E 58 -40.44 4.21 4.10
C SER E 58 -40.35 2.74 3.66
N SER E 59 -39.61 1.93 4.40
CA SER E 59 -39.51 0.50 4.08
C SER E 59 -40.58 -0.33 4.77
N GLY E 60 -41.46 0.33 5.52
CA GLY E 60 -42.49 -0.41 6.25
C GLY E 60 -42.03 -0.95 7.59
N LYS E 61 -41.00 -0.33 8.16
CA LYS E 61 -40.44 -0.80 9.42
C LYS E 61 -40.85 0.09 10.57
N LEU E 62 -41.16 -0.54 11.70
CA LEU E 62 -41.36 0.15 12.97
C LEU E 62 -39.99 0.28 13.64
N VAL E 63 -39.51 1.51 13.77
CA VAL E 63 -38.14 1.77 14.23
C VAL E 63 -38.18 2.43 15.61
N ILE E 64 -37.47 1.85 16.57
CA ILE E 64 -37.51 2.39 17.94
C ILE E 64 -36.54 3.56 18.08
N THR E 65 -37.07 4.68 18.58
CA THR E 65 -36.26 5.89 18.73
C THR E 65 -35.98 6.21 20.20
N SER E 66 -36.44 5.34 21.09
CA SER E 66 -36.18 5.49 22.52
C SER E 66 -34.88 4.79 22.91
N ARG E 67 -34.33 5.14 24.06
CA ARG E 67 -32.99 4.69 24.42
C ARG E 67 -32.98 3.69 25.58
N ASN E 68 -34.13 3.52 26.23
CA ASN E 68 -34.24 2.65 27.38
C ASN E 68 -35.43 1.72 27.27
N THR E 69 -35.70 1.26 26.06
CA THR E 69 -36.85 0.40 25.81
C THR E 69 -36.59 -1.03 26.32
N GLU E 70 -37.61 -1.61 26.97
CA GLU E 70 -37.57 -3.03 27.31
C GLU E 70 -38.71 -3.76 26.62
N LEU E 71 -38.45 -5.01 26.24
CA LEU E 71 -39.48 -5.83 25.63
C LEU E 71 -39.71 -7.06 26.50
N LYS E 72 -40.92 -7.22 26.97
CA LYS E 72 -41.29 -8.40 27.71
C LYS E 72 -42.19 -9.27 26.88
N LEU E 73 -42.20 -10.54 27.19
CA LEU E 73 -43.13 -11.48 26.64
C LEU E 73 -44.01 -12.00 27.76
N ILE E 74 -45.26 -11.62 27.74
CA ILE E 74 -46.18 -11.98 28.79
C ILE E 74 -47.14 -13.10 28.39
N ASP E 75 -47.14 -14.19 29.13
CA ASP E 75 -47.89 -15.37 28.76
C ASP E 75 -49.40 -15.08 28.77
N GLU E 76 -49.77 -13.86 29.11
CA GLU E 76 -51.10 -13.39 28.84
C GLU E 76 -51.22 -13.11 27.35
N PHE E 77 -52.16 -13.80 26.73
CA PHE E 77 -52.34 -13.84 25.27
C PHE E 77 -51.24 -14.64 24.59
N THR E 80 -44.64 -12.33 33.32
CA THR E 80 -43.50 -12.13 32.43
C THR E 80 -42.70 -13.41 32.28
N LYS E 81 -42.57 -13.90 31.05
CA LYS E 81 -41.81 -15.12 30.81
C LYS E 81 -40.42 -14.83 30.23
N GLU E 82 -40.33 -13.72 29.50
CA GLU E 82 -39.06 -13.27 28.92
C GLU E 82 -38.98 -11.75 29.06
N SER E 83 -37.76 -11.22 29.17
CA SER E 83 -37.57 -9.76 29.26
C SER E 83 -36.21 -9.33 28.69
N TYR E 84 -36.25 -8.39 27.74
CA TYR E 84 -35.05 -7.97 27.01
C TYR E 84 -34.89 -6.44 26.91
N LYS E 85 -33.65 -5.96 26.95
CA LYS E 85 -33.40 -4.57 26.58
C LYS E 85 -33.45 -4.48 25.05
N VAL E 86 -34.09 -3.43 24.54
CA VAL E 86 -34.14 -3.21 23.09
C VAL E 86 -33.36 -1.92 22.78
N PRO E 87 -32.31 -2.02 21.96
CA PRO E 87 -31.48 -0.85 21.69
C PRO E 87 -32.12 0.17 20.74
N TYR E 88 -31.78 1.43 20.96
CA TYR E 88 -32.16 2.53 20.06
C TYR E 88 -31.93 2.17 18.60
N GLY E 89 -32.93 2.41 17.76
CA GLY E 89 -32.78 2.17 16.34
C GLY E 89 -33.21 0.77 15.90
N ALA E 90 -33.53 -0.07 16.87
CA ALA E 90 -33.99 -1.43 16.57
C ALA E 90 -35.28 -1.37 15.78
N VAL E 91 -35.49 -2.37 14.94
CA VAL E 91 -36.77 -2.50 14.27
C VAL E 91 -37.59 -3.51 15.07
N LEU E 92 -38.81 -3.16 15.45
CA LEU E 92 -39.70 -4.15 16.04
C LEU E 92 -40.71 -4.66 15.00
N ALA E 93 -40.90 -5.97 14.96
CA ALA E 93 -41.78 -6.54 13.96
C ALA E 93 -43.25 -6.35 14.35
N LYS E 94 -43.48 -6.18 15.65
CA LYS E 94 -44.83 -5.96 16.15
C LYS E 94 -44.87 -4.82 17.19
N GLY E 95 -45.95 -4.04 17.17
CA GLY E 95 -46.12 -2.96 18.12
C GLY E 95 -46.50 -3.45 19.51
N ASP E 96 -46.63 -2.52 20.45
CA ASP E 96 -46.94 -2.88 21.84
C ASP E 96 -48.28 -3.60 21.98
N GLY E 97 -48.29 -4.69 22.73
CA GLY E 97 -49.52 -5.40 23.04
C GLY E 97 -49.94 -6.48 22.05
N GLU E 98 -49.25 -6.55 20.91
CA GLU E 98 -49.61 -7.50 19.86
C GLU E 98 -49.25 -8.93 20.24
N GLN E 99 -50.04 -9.89 19.75
CA GLN E 99 -49.81 -11.31 20.06
C GLN E 99 -48.63 -11.89 19.28
N VAL E 100 -47.84 -12.75 19.92
CA VAL E 100 -46.70 -13.39 19.25
C VAL E 100 -46.69 -14.90 19.51
N ALA E 101 -46.16 -15.67 18.55
CA ALA E 101 -46.05 -17.12 18.68
C ALA E 101 -44.59 -17.56 18.89
N GLY E 102 -44.39 -18.80 19.32
CA GLY E 102 -43.05 -19.32 19.52
C GLY E 102 -42.24 -19.31 18.24
N GLY E 103 -40.98 -18.91 18.33
CA GLY E 103 -40.07 -18.95 17.19
C GLY E 103 -39.98 -17.65 16.40
N GLU E 104 -40.87 -16.70 16.67
CA GLU E 104 -40.86 -15.45 15.92
C GLU E 104 -39.76 -14.50 16.39
N THR E 105 -39.03 -13.93 15.45
CA THR E 105 -38.12 -12.82 15.74
C THR E 105 -38.94 -11.52 15.85
N VAL E 106 -38.92 -10.88 17.01
CA VAL E 106 -39.79 -9.72 17.25
C VAL E 106 -39.03 -8.40 17.18
N ALA E 107 -37.70 -8.48 17.24
CA ALA E 107 -36.86 -7.29 17.14
C ALA E 107 -35.52 -7.62 16.48
N ASN E 108 -35.01 -6.69 15.70
CA ASN E 108 -33.76 -6.94 14.99
C ASN E 108 -33.01 -5.63 14.92
N TRP E 109 -31.68 -5.72 15.02
CA TRP E 109 -30.85 -4.52 14.93
C TRP E 109 -29.47 -4.86 14.44
N ASP E 110 -28.74 -3.85 13.97
CA ASP E 110 -27.39 -4.08 13.49
C ASP E 110 -26.50 -4.34 14.69
N HIS E 112 -23.17 -4.11 17.36
CA HIS E 112 -22.47 -3.85 16.10
C HIS E 112 -22.31 -2.35 15.82
N THR E 113 -23.43 -1.65 15.77
CA THR E 113 -23.42 -0.22 15.46
C THR E 113 -24.43 0.57 16.26
N PRO E 115 -27.01 3.60 15.16
CA PRO E 115 -27.51 4.38 14.03
C PRO E 115 -27.84 5.82 14.43
N VAL E 116 -27.77 6.71 13.45
CA VAL E 116 -28.28 8.06 13.62
C VAL E 116 -29.54 8.09 12.76
N ILE E 117 -30.70 8.35 13.38
CA ILE E 117 -31.97 8.19 12.68
C ILE E 117 -32.65 9.53 12.50
N THR E 118 -33.21 9.77 11.31
CA THR E 118 -33.91 11.02 11.07
C THR E 118 -35.27 11.03 11.78
N GLU E 119 -35.64 12.16 12.35
CA GLU E 119 -36.94 12.26 13.02
C GLU E 119 -37.99 12.83 12.08
N VAL E 120 -37.59 13.10 10.83
CA VAL E 120 -38.49 13.72 9.87
C VAL E 120 -38.26 13.18 8.47
N SER E 121 -39.25 13.40 7.62
CA SER E 121 -39.17 13.04 6.22
C SER E 121 -38.70 14.26 5.44
N GLY E 122 -38.10 14.01 4.27
CA GLY E 122 -37.62 15.08 3.42
C GLY E 122 -36.55 14.57 2.48
N PHE E 123 -35.61 15.45 2.12
CA PHE E 123 -34.47 15.09 1.28
C PHE E 123 -33.18 15.38 2.06
N VAL E 124 -32.17 14.56 1.84
CA VAL E 124 -30.89 14.75 2.53
C VAL E 124 -29.99 15.70 1.77
N ARG E 125 -29.35 16.62 2.48
CA ARG E 125 -28.37 17.49 1.83
C ARG E 125 -27.08 17.41 2.64
N PHE E 126 -25.98 17.04 1.99
CA PHE E 126 -24.68 16.94 2.66
C PHE E 126 -24.17 18.34 2.97
N THR E 127 -23.59 18.54 4.15
CA THR E 127 -22.93 19.81 4.40
C THR E 127 -21.60 19.58 5.08
N ASP E 128 -20.59 20.38 4.71
CA ASP E 128 -19.26 20.27 5.30
C ASP E 128 -18.64 18.87 5.14
N ILE E 130 -16.27 16.76 2.96
CA ILE E 130 -15.23 17.04 1.98
C ILE E 130 -14.17 15.94 2.06
N ASP E 131 -14.08 15.13 1.01
CA ASP E 131 -13.13 14.03 0.95
C ASP E 131 -11.70 14.51 1.21
N GLY E 132 -11.01 13.84 2.13
CA GLY E 132 -9.64 14.19 2.46
C GLY E 132 -9.52 15.35 3.45
N GLN E 133 -10.65 15.89 3.90
CA GLN E 133 -10.66 16.99 4.87
C GLN E 133 -11.52 16.71 6.09
N THR E 134 -12.79 16.36 5.88
CA THR E 134 -13.65 15.95 7.01
C THR E 134 -14.16 14.52 6.90
N ILE E 135 -14.07 13.94 5.71
CA ILE E 135 -14.50 12.56 5.52
C ILE E 135 -13.48 11.82 4.67
N THR E 136 -13.57 10.49 4.70
CA THR E 136 -12.87 9.70 3.70
C THR E 136 -13.90 8.93 2.85
N ARG E 137 -13.69 8.92 1.55
CA ARG E 137 -14.66 8.28 0.65
C ARG E 137 -14.15 6.94 0.16
N GLN E 138 -14.89 5.89 0.48
CA GLN E 138 -14.53 4.53 0.07
C GLN E 138 -15.54 4.01 -0.94
N THR E 139 -15.11 3.87 -2.20
CA THR E 139 -16.00 3.43 -3.26
C THR E 139 -15.89 1.94 -3.55
N ASP E 140 -17.02 1.26 -3.63
CA ASP E 140 -17.06 -0.12 -4.07
C ASP E 140 -16.62 -0.12 -5.54
N GLU E 141 -15.62 -0.94 -5.86
CA GLU E 141 -15.08 -0.99 -7.22
C GLU E 141 -16.11 -1.54 -8.22
N LEU E 142 -17.00 -2.39 -7.75
CA LEU E 142 -17.99 -2.97 -8.65
C LEU E 142 -19.22 -2.07 -8.81
N THR E 143 -19.71 -1.53 -7.69
CA THR E 143 -20.93 -0.75 -7.68
C THR E 143 -20.72 0.74 -7.96
N GLY E 144 -19.57 1.27 -7.55
CA GLY E 144 -19.33 2.70 -7.64
C GLY E 144 -20.11 3.46 -6.56
N LEU E 145 -20.79 2.72 -5.71
CA LEU E 145 -21.49 3.32 -4.59
C LEU E 145 -20.50 3.61 -3.47
N SER E 146 -20.55 4.82 -2.93
CA SER E 146 -19.59 5.22 -1.91
C SER E 146 -20.14 5.12 -0.49
N SER E 147 -19.26 4.75 0.44
CA SER E 147 -19.52 4.89 1.86
C SER E 147 -18.52 5.91 2.41
N LEU E 148 -19.04 6.88 3.15
CA LEU E 148 -18.25 8.01 3.61
C LEU E 148 -17.98 7.85 5.09
N VAL E 149 -16.71 7.88 5.48
CA VAL E 149 -16.39 7.75 6.90
C VAL E 149 -15.95 9.12 7.42
N VAL E 150 -16.61 9.58 8.48
CA VAL E 150 -16.34 10.90 9.04
C VAL E 150 -15.08 10.85 9.88
N LEU E 151 -14.20 11.81 9.65
CA LEU E 151 -12.99 11.96 10.42
C LEU E 151 -13.35 12.81 11.62
N ASP E 152 -12.93 12.36 12.80
CA ASP E 152 -13.18 13.14 14.00
C ASP E 152 -12.42 14.46 13.92
N SER E 153 -13.03 15.54 14.43
CA SER E 153 -12.41 16.88 14.43
C SER E 153 -10.96 16.84 14.84
N ALA E 154 -10.68 16.04 15.85
CA ALA E 154 -9.37 15.99 16.47
C ALA E 154 -8.31 15.44 15.51
N GLU E 155 -8.71 14.56 14.61
CA GLU E 155 -7.75 13.88 13.72
C GLU E 155 -7.58 14.59 12.38
N ARG E 156 -8.29 15.70 12.20
CA ARG E 156 -8.24 16.45 10.94
C ARG E 156 -7.11 17.46 10.96
N THR E 157 -6.80 17.99 9.78
CA THR E 157 -5.76 19.02 9.67
C THR E 157 -6.29 20.30 9.03
N ALA E 158 -5.70 21.43 9.41
CA ALA E 158 -5.97 22.71 8.75
C ALA E 158 -7.45 23.08 8.54
N GLY E 159 -7.85 23.20 7.27
CA GLY E 159 -9.19 23.65 6.92
C GLY E 159 -10.33 22.80 7.41
N GLY E 160 -10.10 21.50 7.52
CA GLY E 160 -11.18 20.59 7.91
C GLY E 160 -11.55 20.64 9.38
N LYS E 161 -10.63 21.10 10.23
CA LYS E 161 -10.81 20.98 11.68
C LYS E 161 -12.06 21.68 12.20
N ASP E 162 -12.28 22.91 11.75
CA ASP E 162 -13.41 23.69 12.24
C ASP E 162 -14.74 23.36 11.56
N LEU E 163 -14.73 22.52 10.52
CA LEU E 163 -15.98 22.16 9.83
C LEU E 163 -16.75 21.06 10.56
N ARG E 164 -18.06 21.00 10.33
CA ARG E 164 -18.93 20.09 11.07
C ARG E 164 -19.85 19.41 10.07
N PRO E 165 -19.36 18.33 9.45
CA PRO E 165 -20.12 17.55 8.48
C PRO E 165 -21.48 17.22 9.04
N ALA E 166 -22.52 17.46 8.26
CA ALA E 166 -23.86 17.18 8.74
C ALA E 166 -24.74 16.74 7.58
N LEU E 167 -25.87 16.15 7.93
CA LEU E 167 -26.89 15.85 6.94
C LEU E 167 -28.07 16.74 7.25
N LYS E 168 -28.31 17.72 6.39
CA LYS E 168 -29.47 18.60 6.56
C LYS E 168 -30.69 17.96 5.91
N ILE E 169 -31.85 18.08 6.55
CA ILE E 169 -33.08 17.60 5.93
C ILE E 169 -33.84 18.79 5.36
N VAL E 170 -34.16 18.75 4.07
CA VAL E 170 -34.92 19.83 3.48
C VAL E 170 -36.17 19.29 2.82
N ASP E 171 -37.16 20.15 2.62
CA ASP E 171 -38.37 19.72 1.90
C ASP E 171 -38.17 19.81 0.38
N ALA E 172 -39.26 19.65 -0.35
CA ALA E 172 -39.24 19.64 -1.80
C ALA E 172 -38.54 20.86 -2.41
N GLN E 173 -38.91 22.05 -1.93
CA GLN E 173 -38.36 23.30 -2.48
C GLN E 173 -36.95 23.54 -1.97
N GLY E 174 -36.66 23.03 -0.77
CA GLY E 174 -35.33 23.13 -0.20
C GLY E 174 -35.29 23.85 1.12
N ASN E 175 -36.48 24.14 1.67
CA ASN E 175 -36.57 24.78 2.97
C ASN E 175 -36.34 23.76 4.07
N ASP E 176 -35.86 24.23 5.22
CA ASP E 176 -35.61 23.34 6.35
C ASP E 176 -36.87 22.64 6.80
N VAL E 177 -36.72 21.40 7.25
CA VAL E 177 -37.83 20.64 7.81
C VAL E 177 -37.73 20.69 9.33
N LEU E 178 -38.83 21.06 9.98
CA LEU E 178 -38.86 21.20 11.42
C LEU E 178 -39.19 19.88 12.13
N ILE E 179 -38.63 19.69 13.32
CA ILE E 179 -38.95 18.51 14.12
C ILE E 179 -40.40 18.54 14.58
N THR E 182 -39.17 25.14 20.54
CA THR E 182 -37.95 24.46 20.28
C THR E 182 -38.20 23.62 19.10
N ASP E 183 -38.87 24.23 18.12
CA ASP E 183 -39.05 23.65 16.83
C ASP E 183 -37.92 24.00 15.93
N PRO E 185 -34.83 23.18 13.19
CA PRO E 185 -34.69 22.48 11.91
C PRO E 185 -33.92 21.18 12.10
N ALA E 186 -34.27 20.18 11.33
CA ALA E 186 -33.67 18.90 11.45
C ALA E 186 -32.35 18.94 10.75
N GLN E 187 -31.29 18.71 11.50
CA GLN E 187 -29.95 18.63 10.95
C GLN E 187 -29.16 17.67 11.79
N TYR E 188 -28.63 16.65 11.17
CA TYR E 188 -27.96 15.63 11.86
C TYR E 188 -26.46 15.69 11.66
N PHE E 189 -25.75 16.21 12.66
CA PHE E 189 -24.30 16.29 12.60
C PHE E 189 -23.72 14.90 12.80
N LEU E 190 -22.57 14.66 12.21
CA LEU E 190 -22.00 13.32 12.17
C LEU E 190 -20.74 13.26 13.04
N PRO E 191 -20.74 12.37 14.05
CA PRO E 191 -19.55 12.31 14.90
C PRO E 191 -18.43 11.59 14.18
N GLY E 192 -17.20 11.69 14.70
CA GLY E 192 -16.11 10.89 14.17
C GLY E 192 -16.53 9.44 13.99
N LYS E 193 -15.98 8.79 12.96
CA LYS E 193 -16.21 7.35 12.71
C LYS E 193 -17.59 7.00 12.11
N ALA E 194 -18.51 7.95 12.09
CA ALA E 194 -19.82 7.70 11.48
C ALA E 194 -19.70 7.35 10.02
N ILE E 195 -20.47 6.36 9.60
CA ILE E 195 -20.44 5.89 8.23
C ILE E 195 -21.73 6.25 7.52
N VAL E 196 -21.64 6.95 6.39
CA VAL E 196 -22.82 7.31 5.60
C VAL E 196 -22.76 6.54 4.29
N GLN E 197 -23.83 5.84 3.96
CA GLN E 197 -23.87 5.08 2.71
C GLN E 197 -24.96 5.56 1.77
N LEU E 198 -25.59 6.68 2.10
CA LEU E 198 -26.59 7.25 1.21
C LEU E 198 -26.00 8.36 0.34
N GLU E 199 -26.71 8.72 -0.72
CA GLU E 199 -26.23 9.75 -1.64
C GLU E 199 -26.82 11.12 -1.33
N ASP E 200 -26.06 12.16 -1.67
CA ASP E 200 -26.52 13.54 -1.49
C ASP E 200 -27.79 13.74 -2.29
N GLY E 201 -28.86 14.18 -1.63
CA GLY E 201 -30.11 14.48 -2.32
C GLY E 201 -31.22 13.45 -2.23
N VAL E 202 -30.96 12.28 -1.67
CA VAL E 202 -31.97 11.22 -1.62
C VAL E 202 -33.17 11.59 -0.75
N GLN E 203 -34.36 11.18 -1.16
CA GLN E 203 -35.56 11.38 -0.35
C GLN E 203 -35.50 10.35 0.76
N ILE E 204 -35.81 10.76 1.99
CA ILE E 204 -35.91 9.83 3.13
C ILE E 204 -37.17 10.16 3.92
N SER E 205 -37.62 9.20 4.73
CA SER E 205 -38.82 9.39 5.55
C SER E 205 -38.41 9.23 7.00
N SER E 206 -39.20 9.79 7.92
CA SER E 206 -38.84 9.72 9.34
C SER E 206 -38.62 8.27 9.75
N GLY E 207 -37.57 8.03 10.54
CA GLY E 207 -37.20 6.69 10.93
C GLY E 207 -36.15 6.05 10.06
N ASP E 208 -35.82 6.69 8.94
CA ASP E 208 -34.76 6.17 8.06
C ASP E 208 -33.40 6.34 8.73
N THR E 209 -32.48 5.42 8.48
CA THR E 209 -31.15 5.50 9.05
C THR E 209 -30.25 6.39 8.20
N LEU E 210 -29.64 7.40 8.82
CA LEU E 210 -28.81 8.34 8.06
C LEU E 210 -27.34 7.96 8.07
N ALA E 211 -26.87 7.48 9.22
CA ALA E 211 -25.46 7.13 9.36
C ALA E 211 -25.33 6.07 10.45
N ARG E 212 -24.21 5.37 10.46
CA ARG E 212 -23.99 4.31 11.43
C ARG E 212 -22.65 4.47 12.11
N ILE E 213 -22.66 4.42 13.44
CA ILE E 213 -21.43 4.57 14.25
C ILE E 213 -21.00 3.21 14.78
N PRO E 214 -19.86 2.70 14.31
CA PRO E 214 -19.35 1.38 14.68
C PRO E 214 -19.17 1.24 16.20
N GLN E 215 -19.44 0.05 16.73
CA GLN E 215 -19.37 -0.21 18.16
C GLN E 215 -18.59 -1.49 18.46
N GLU E 216 -18.09 -1.60 19.68
CA GLU E 216 -17.48 -2.84 20.16
C GLU E 216 -18.53 -3.76 20.77
#